data_3CET
#
_entry.id   3CET
#
_cell.length_a   67.424
_cell.length_b   75.308
_cell.length_c   163.317
_cell.angle_alpha   90.00
_cell.angle_beta   90.00
_cell.angle_gamma   90.00
#
_symmetry.space_group_name_H-M   'P 21 21 21'
#
loop_
_entity.id
_entity.type
_entity.pdbx_description
1 polymer 'Conserved archaeal protein'
2 non-polymer 'SULFATE ION'
3 water water
#
_entity_poly.entity_id   1
_entity_poly.type   'polypeptide(L)'
_entity_poly.pdbx_seq_one_letter_code
;(MSE)ILGIDIGGANTKITELHENGEFKVHHLYFP(MSE)WKNNDKLAEVLKTYSNDVSHVALVTTAELADSYETKKEGV
DNILNAAESAFGSNISVFDSNGNFISLESAKTNN(MSE)KVSASNWCGTAKWVSKNIEENCILVD(MSE)GSTTTDIIPI
VEGKVVAEKTDLERL(MSE)NHELLYVGTLRTPISHLGNTISFKGVDTNVSSEYFAITADISVVLEKVTTEEYTCDTPDG
KGTDKRSSLVRISKVLCSDLDQISEIDAENIAKNYYELWKELILENVENVAEKYGSKKVVITGLGENILKDALADFEVIS
VAERYGKDVSLATPSFAVAELLKNELLEHHHHHH
;
_entity_poly.pdbx_strand_id   A,B
#
loop_
_chem_comp.id
_chem_comp.type
_chem_comp.name
_chem_comp.formula
SO4 non-polymer 'SULFATE ION' 'O4 S -2'
#
# COMPACT_ATOMS: atom_id res chain seq x y z
N MSE A 1 10.02 -31.62 -33.76
CA MSE A 1 10.50 -31.12 -32.45
C MSE A 1 10.59 -29.60 -32.42
O MSE A 1 11.60 -29.01 -32.84
CB MSE A 1 11.86 -31.72 -32.12
CG MSE A 1 12.53 -31.13 -30.87
SE MSE A 1 11.45 -31.29 -29.27
CE MSE A 1 12.11 -32.98 -28.61
N ILE A 2 9.54 -28.96 -31.94
CA ILE A 2 9.49 -27.51 -31.84
C ILE A 2 9.43 -27.11 -30.37
N LEU A 3 10.05 -25.98 -30.03
CA LEU A 3 10.06 -25.51 -28.66
C LEU A 3 9.24 -24.25 -28.45
N GLY A 4 8.67 -24.14 -27.25
CA GLY A 4 7.89 -22.97 -26.89
C GLY A 4 8.71 -22.27 -25.82
N ILE A 5 9.22 -21.09 -26.13
CA ILE A 5 10.05 -20.34 -25.18
C ILE A 5 9.39 -19.08 -24.66
N ASP A 6 9.12 -19.05 -23.36
CA ASP A 6 8.52 -17.89 -22.72
C ASP A 6 9.51 -17.33 -21.70
N ILE A 7 10.19 -16.26 -22.08
CA ILE A 7 11.16 -15.62 -21.21
C ILE A 7 10.53 -14.45 -20.47
N GLY A 8 10.37 -14.60 -19.16
CA GLY A 8 9.78 -13.55 -18.36
C GLY A 8 10.65 -13.17 -17.17
N ASN A 11 12.38 -15.42 -14.82
CA ASN A 11 12.28 -16.86 -15.06
C ASN A 11 11.88 -17.16 -16.49
N THR A 12 12.18 -18.37 -16.95
CA THR A 12 11.85 -18.77 -18.31
C THR A 12 11.27 -20.18 -18.33
N LYS A 13 10.33 -20.42 -19.24
CA LYS A 13 9.69 -21.73 -19.36
C LYS A 13 9.80 -22.28 -20.78
N ILE A 14 10.17 -23.55 -20.89
CA ILE A 14 10.34 -24.20 -22.18
C ILE A 14 9.46 -25.43 -22.35
N THR A 15 8.72 -25.47 -23.46
CA THR A 15 7.85 -26.60 -23.76
C THR A 15 8.34 -27.29 -25.03
N GLU A 16 8.66 -28.59 -24.90
CA GLU A 16 9.13 -29.37 -26.04
C GLU A 16 7.94 -30.06 -26.69
N LEU A 17 7.51 -29.58 -27.84
CA LEU A 17 6.36 -30.13 -28.53
C LEU A 17 6.69 -30.93 -29.79
N HIS A 18 5.64 -31.49 -30.40
CA HIS A 18 5.74 -32.29 -31.62
C HIS A 18 6.11 -33.75 -31.47
N GLU A 19 6.03 -34.48 -32.58
CA GLU A 19 6.32 -35.90 -32.64
C GLU A 19 5.19 -36.67 -31.94
N ASN A 20 4.05 -36.72 -32.62
CA ASN A 20 2.84 -37.40 -32.13
C ASN A 20 2.16 -36.62 -31.00
N GLY A 21 2.92 -35.77 -30.31
CA GLY A 21 2.36 -34.99 -29.22
C GLY A 21 3.20 -35.07 -27.95
N GLU A 22 4.38 -35.66 -28.06
CA GLU A 22 5.28 -35.80 -26.92
C GLU A 22 5.69 -34.44 -26.38
N PHE A 23 5.04 -33.98 -25.31
CA PHE A 23 5.40 -32.69 -24.73
C PHE A 23 5.80 -32.76 -23.27
N LYS A 24 6.57 -31.76 -22.85
CA LYS A 24 7.06 -31.64 -21.48
C LYS A 24 7.57 -30.21 -21.29
N VAL A 25 7.45 -29.70 -20.07
CA VAL A 25 7.90 -28.34 -19.79
C VAL A 25 8.98 -28.34 -18.70
N HIS A 26 9.83 -27.32 -18.73
CA HIS A 26 10.90 -27.19 -17.76
C HIS A 26 11.07 -25.72 -17.37
N HIS A 27 11.43 -25.47 -16.12
CA HIS A 27 11.61 -24.11 -15.63
C HIS A 27 13.08 -23.74 -15.53
N LEU A 28 13.41 -22.53 -15.98
CA LEU A 28 14.78 -22.05 -15.96
C LEU A 28 14.89 -20.76 -15.15
N VAL A 50 15.63 -29.67 -32.62
CA VAL A 50 14.61 -28.63 -32.69
C VAL A 50 14.63 -27.96 -34.06
N SER A 51 13.53 -28.10 -34.79
CA SER A 51 13.42 -27.52 -36.12
C SER A 51 12.87 -26.08 -36.10
N HIS A 52 11.98 -25.80 -35.16
CA HIS A 52 11.39 -24.48 -35.05
C HIS A 52 11.27 -24.06 -33.58
N VAL A 53 11.38 -22.76 -33.33
CA VAL A 53 11.28 -22.23 -31.98
C VAL A 53 10.36 -21.03 -31.91
N ALA A 54 9.36 -21.12 -31.03
CA ALA A 54 8.41 -20.02 -30.84
C ALA A 54 8.91 -19.23 -29.65
N LEU A 55 9.26 -17.97 -29.88
CA LEU A 55 9.78 -17.12 -28.82
C LEU A 55 8.82 -16.01 -28.39
N VAL A 56 8.45 -16.04 -27.11
CA VAL A 56 7.56 -15.03 -26.55
C VAL A 56 8.20 -14.51 -25.27
N THR A 57 8.25 -13.19 -25.12
CA THR A 57 8.85 -12.60 -23.93
C THR A 57 7.82 -11.79 -23.15
N THR A 58 7.44 -12.31 -21.99
CA THR A 58 6.47 -11.65 -21.12
C THR A 58 7.17 -10.79 -20.07
N ALA A 59 8.50 -10.77 -20.12
CA ALA A 59 9.29 -9.99 -19.18
C ALA A 59 9.08 -8.50 -19.38
N GLU A 66 18.32 3.06 -18.76
CA GLU A 66 17.80 1.70 -18.98
C GLU A 66 16.61 1.71 -19.92
N THR A 67 16.89 1.61 -21.22
CA THR A 67 15.85 1.59 -22.24
C THR A 67 15.46 0.15 -22.59
N LYS A 68 14.18 -0.08 -22.78
CA LYS A 68 13.68 -1.42 -23.09
C LYS A 68 13.92 -1.82 -24.54
N LYS A 69 15.14 -1.60 -25.02
CA LYS A 69 15.50 -1.98 -26.39
C LYS A 69 16.86 -2.65 -26.33
N GLU A 70 17.47 -2.62 -25.15
CA GLU A 70 18.77 -3.23 -24.93
C GLU A 70 18.52 -4.70 -24.59
N GLY A 71 17.64 -4.93 -23.61
CA GLY A 71 17.32 -6.29 -23.21
C GLY A 71 16.67 -7.04 -24.35
N VAL A 72 15.91 -6.32 -25.17
CA VAL A 72 15.24 -6.92 -26.31
C VAL A 72 16.26 -7.51 -27.27
N ASP A 73 17.34 -6.77 -27.52
CA ASP A 73 18.39 -7.26 -28.42
C ASP A 73 19.10 -8.45 -27.79
N ASN A 74 19.33 -8.37 -26.48
CA ASN A 74 19.99 -9.45 -25.76
C ASN A 74 19.21 -10.74 -25.94
N ILE A 75 17.90 -10.67 -25.71
CA ILE A 75 17.03 -11.83 -25.86
C ILE A 75 17.09 -12.37 -27.29
N LEU A 76 16.84 -11.50 -28.25
CA LEU A 76 16.85 -11.88 -29.66
C LEU A 76 18.18 -12.50 -30.08
N ASN A 77 19.28 -11.80 -29.80
CA ASN A 77 20.59 -12.30 -30.16
C ASN A 77 20.93 -13.60 -29.44
N ALA A 78 20.53 -13.70 -28.18
CA ALA A 78 20.79 -14.90 -27.39
C ALA A 78 20.05 -16.10 -27.99
N ALA A 79 18.85 -15.84 -28.48
CA ALA A 79 18.02 -16.89 -29.09
C ALA A 79 18.72 -17.46 -30.32
N GLU A 80 19.22 -16.58 -31.18
CA GLU A 80 19.91 -17.00 -32.39
C GLU A 80 21.07 -17.95 -32.11
N SER A 81 21.72 -17.74 -30.97
CA SER A 81 22.86 -18.55 -30.56
C SER A 81 22.70 -20.05 -30.72
N ALA A 82 21.71 -20.63 -30.04
CA ALA A 82 21.49 -22.06 -30.09
C ALA A 82 20.24 -22.50 -30.83
N PHE A 83 19.60 -21.57 -31.53
CA PHE A 83 18.38 -21.91 -32.26
C PHE A 83 18.40 -21.49 -33.73
N GLY A 84 19.40 -20.69 -34.10
CA GLY A 84 19.51 -20.25 -35.48
C GLY A 84 18.47 -19.24 -35.92
N SER A 85 18.16 -19.25 -37.22
CA SER A 85 17.19 -18.33 -37.78
C SER A 85 15.75 -18.84 -37.70
N ASN A 86 15.59 -20.13 -37.38
CA ASN A 86 14.26 -20.72 -37.29
C ASN A 86 13.56 -20.33 -35.98
N ILE A 87 13.34 -19.04 -35.81
CA ILE A 87 12.69 -18.53 -34.61
C ILE A 87 11.54 -17.61 -35.00
N SER A 88 10.36 -17.92 -34.50
CA SER A 88 9.18 -17.11 -34.77
C SER A 88 8.83 -16.38 -33.49
N VAL A 89 8.79 -15.06 -33.55
CA VAL A 89 8.48 -14.26 -32.38
C VAL A 89 7.01 -13.90 -32.31
N PHE A 90 6.38 -14.22 -31.19
CA PHE A 90 4.97 -13.93 -30.98
C PHE A 90 4.90 -12.52 -30.39
N ASP A 91 4.54 -11.55 -31.22
CA ASP A 91 4.48 -10.15 -30.81
C ASP A 91 3.30 -9.78 -29.90
N SER A 92 3.19 -8.48 -29.65
CA SER A 92 2.13 -7.94 -28.79
C SER A 92 0.76 -8.46 -29.19
N ASN A 93 0.56 -8.66 -30.49
CA ASN A 93 -0.71 -9.16 -30.99
C ASN A 93 -0.62 -10.68 -31.12
N GLY A 94 -1.66 -11.30 -31.63
CA GLY A 94 -1.63 -12.74 -31.80
C GLY A 94 -0.93 -13.11 -33.10
N ASN A 95 -0.08 -12.21 -33.56
CA ASN A 95 0.64 -12.42 -34.81
C ASN A 95 2.07 -12.93 -34.61
N PHE A 96 2.47 -13.87 -35.45
CA PHE A 96 3.81 -14.45 -35.39
C PHE A 96 4.69 -13.75 -36.40
N ILE A 97 5.72 -13.03 -35.93
CA ILE A 97 6.63 -12.35 -36.83
C ILE A 97 7.97 -13.09 -36.82
N SER A 98 8.54 -13.28 -38.01
CA SER A 98 9.81 -13.98 -38.12
C SER A 98 10.94 -13.17 -37.48
N LEU A 99 12.13 -13.75 -37.46
CA LEU A 99 13.29 -13.07 -36.90
C LEU A 99 13.63 -11.91 -37.82
N GLU A 100 14.52 -11.02 -37.35
CA GLU A 100 14.93 -9.84 -38.10
C GLU A 100 13.78 -8.84 -38.15
N SER A 101 12.55 -9.34 -38.21
CA SER A 101 11.38 -8.48 -38.22
C SER A 101 11.25 -7.89 -36.82
N ALA A 102 11.67 -8.68 -35.83
CA ALA A 102 11.61 -8.26 -34.43
C ALA A 102 12.87 -7.44 -34.13
N LYS A 103 13.92 -7.69 -34.90
CA LYS A 103 15.18 -6.97 -34.74
C LYS A 103 15.06 -5.56 -35.28
N THR A 104 14.27 -5.39 -36.35
CA THR A 104 14.06 -4.09 -36.95
C THR A 104 13.23 -3.21 -36.02
N ASN A 105 12.00 -3.63 -35.74
CA ASN A 105 11.12 -2.87 -34.87
C ASN A 105 10.87 -3.62 -33.56
N ASN A 106 11.77 -3.43 -32.61
CA ASN A 106 11.70 -4.07 -31.30
C ASN A 106 10.47 -3.69 -30.46
N MSE A 107 9.68 -2.73 -30.95
CA MSE A 107 8.50 -2.30 -30.22
C MSE A 107 7.33 -3.28 -30.32
O MSE A 107 6.21 -2.93 -29.95
CB MSE A 107 8.06 -0.92 -30.71
CG MSE A 107 9.01 0.21 -30.32
SE MSE A 107 9.13 0.50 -28.41
CE MSE A 107 7.79 1.88 -28.23
N LYS A 108 7.60 -4.48 -30.81
CA LYS A 108 6.55 -5.50 -30.93
C LYS A 108 6.93 -6.76 -30.15
N VAL A 109 8.21 -6.84 -29.76
CA VAL A 109 8.71 -7.99 -29.02
C VAL A 109 8.03 -8.15 -27.66
N SER A 110 7.86 -7.05 -26.93
CA SER A 110 7.23 -7.09 -25.63
C SER A 110 5.78 -7.57 -25.76
N ALA A 111 5.50 -8.75 -25.20
CA ALA A 111 4.16 -9.32 -25.27
C ALA A 111 3.54 -9.58 -23.91
N SER A 112 2.22 -9.61 -23.86
CA SER A 112 1.50 -9.86 -22.62
C SER A 112 1.56 -11.35 -22.29
N ASN A 113 1.13 -11.72 -21.09
CA ASN A 113 1.15 -13.13 -20.71
C ASN A 113 -0.18 -13.81 -21.02
N TRP A 114 -1.12 -13.08 -21.61
CA TRP A 114 -2.42 -13.64 -21.93
C TRP A 114 -2.73 -13.76 -23.42
N CYS A 115 -2.13 -12.90 -24.23
CA CYS A 115 -2.38 -12.92 -25.67
C CYS A 115 -2.12 -14.27 -26.32
N GLY A 116 -0.95 -14.86 -26.05
CA GLY A 116 -0.62 -16.15 -26.62
C GLY A 116 -1.59 -17.21 -26.15
N THR A 117 -1.86 -17.23 -24.85
CA THR A 117 -2.78 -18.19 -24.26
C THR A 117 -4.18 -18.02 -24.82
N ALA A 118 -4.61 -16.77 -24.98
CA ALA A 118 -5.93 -16.47 -25.51
C ALA A 118 -6.09 -17.03 -26.92
N LYS A 119 -5.07 -16.80 -27.76
CA LYS A 119 -5.08 -17.27 -29.15
C LYS A 119 -5.23 -18.80 -29.15
N TRP A 120 -4.38 -19.46 -28.38
CA TRP A 120 -4.38 -20.91 -28.26
C TRP A 120 -5.74 -21.44 -27.84
N VAL A 121 -6.32 -20.83 -26.81
CA VAL A 121 -7.63 -21.25 -26.32
C VAL A 121 -8.72 -21.13 -27.37
N SER A 122 -8.75 -20.00 -28.07
CA SER A 122 -9.76 -19.74 -29.09
C SER A 122 -9.73 -20.73 -30.26
N LYS A 123 -8.61 -21.40 -30.47
CA LYS A 123 -8.50 -22.35 -31.57
C LYS A 123 -8.33 -23.79 -31.13
N ASN A 124 -8.15 -24.03 -29.83
CA ASN A 124 -7.96 -25.39 -29.36
C ASN A 124 -8.82 -25.84 -28.19
N ILE A 125 -9.59 -24.94 -27.60
CA ILE A 125 -10.44 -25.29 -26.47
C ILE A 125 -11.88 -24.82 -26.64
N GLU A 126 -12.05 -23.50 -26.74
CA GLU A 126 -13.38 -22.93 -26.89
C GLU A 126 -13.32 -21.64 -27.70
N GLU A 127 -14.28 -21.46 -28.61
CA GLU A 127 -14.33 -20.27 -29.45
C GLU A 127 -15.19 -19.18 -28.83
N ASN A 128 -15.97 -19.56 -27.82
CA ASN A 128 -16.84 -18.62 -27.13
C ASN A 128 -16.70 -18.84 -25.63
N CYS A 129 -15.78 -18.09 -25.03
CA CYS A 129 -15.54 -18.21 -23.61
C CYS A 129 -14.77 -17.01 -23.09
N ILE A 130 -14.40 -17.08 -21.82
CA ILE A 130 -13.61 -16.05 -21.18
C ILE A 130 -12.39 -16.76 -20.60
N LEU A 131 -11.20 -16.33 -21.00
CA LEU A 131 -9.99 -16.91 -20.44
C LEU A 131 -9.68 -16.11 -19.18
N VAL A 132 -9.43 -16.81 -18.09
CA VAL A 132 -9.07 -16.14 -16.86
C VAL A 132 -7.76 -16.76 -16.37
N ASP A 133 -6.71 -15.95 -16.38
CA ASP A 133 -5.40 -16.41 -15.95
C ASP A 133 -4.93 -15.50 -14.83
N MSE A 134 -4.40 -16.10 -13.77
CA MSE A 134 -3.91 -15.30 -12.67
C MSE A 134 -2.50 -15.73 -12.30
O MSE A 134 -2.27 -16.87 -11.90
CB MSE A 134 -4.82 -15.41 -11.45
CG MSE A 134 -4.37 -14.55 -10.30
SE MSE A 134 -5.74 -14.29 -8.95
CE MSE A 134 -5.54 -15.96 -8.03
N GLY A 135 -1.56 -14.81 -12.45
CA GLY A 135 -0.18 -15.09 -12.13
C GLY A 135 0.13 -14.66 -10.71
N SER A 136 1.35 -14.23 -10.47
CA SER A 136 1.74 -13.81 -9.13
C SER A 136 1.26 -12.40 -8.84
N THR A 137 0.99 -11.62 -9.89
CA THR A 137 0.61 -10.22 -9.72
C THR A 137 -0.69 -9.72 -10.34
N THR A 138 -1.01 -10.19 -11.54
CA THR A 138 -2.23 -9.74 -12.22
C THR A 138 -3.13 -10.88 -12.67
N THR A 139 -4.41 -10.54 -12.88
CA THR A 139 -5.39 -11.49 -13.34
C THR A 139 -5.94 -10.95 -14.65
N ASP A 140 -5.84 -11.75 -15.70
CA ASP A 140 -6.34 -11.35 -17.01
C ASP A 140 -7.71 -12.01 -17.23
N ILE A 141 -8.66 -11.22 -17.68
CA ILE A 141 -10.01 -11.70 -17.95
C ILE A 141 -10.28 -11.30 -19.40
N ILE A 142 -10.04 -12.22 -20.32
CA ILE A 142 -10.18 -11.91 -21.73
C ILE A 142 -11.29 -12.64 -22.48
N PRO A 143 -12.25 -11.89 -23.02
CA PRO A 143 -13.36 -12.48 -23.76
C PRO A 143 -12.90 -12.97 -25.13
N ILE A 144 -13.42 -14.12 -25.52
CA ILE A 144 -13.12 -14.73 -26.80
C ILE A 144 -14.50 -14.94 -27.41
N VAL A 145 -14.73 -14.32 -28.56
CA VAL A 145 -16.02 -14.41 -29.24
C VAL A 145 -15.83 -14.86 -30.69
N GLU A 146 -16.57 -15.90 -31.09
CA GLU A 146 -16.48 -16.42 -32.44
C GLU A 146 -15.05 -16.80 -32.83
N GLY A 147 -14.28 -17.27 -31.85
CA GLY A 147 -12.90 -17.68 -32.12
C GLY A 147 -11.86 -16.57 -32.14
N LYS A 148 -12.29 -15.35 -31.85
CA LYS A 148 -11.34 -14.23 -31.85
C LYS A 148 -11.27 -13.56 -30.47
N VAL A 149 -10.09 -13.05 -30.15
CA VAL A 149 -9.86 -12.38 -28.88
C VAL A 149 -10.39 -10.96 -29.01
N VAL A 150 -11.38 -10.59 -28.20
CA VAL A 150 -11.95 -9.26 -28.30
C VAL A 150 -11.70 -8.36 -27.09
N ALA A 151 -10.62 -8.62 -26.37
CA ALA A 151 -10.27 -7.81 -25.20
C ALA A 151 -9.65 -6.51 -25.73
N GLU A 152 -9.72 -5.45 -24.94
CA GLU A 152 -9.15 -4.18 -25.34
C GLU A 152 -7.63 -4.31 -25.43
N LYS A 153 -7.00 -3.37 -26.13
CA LYS A 153 -5.56 -3.39 -26.35
C LYS A 153 -4.62 -3.09 -25.19
N THR A 154 -4.55 -1.83 -24.78
CA THR A 154 -3.65 -1.41 -23.71
C THR A 154 -4.10 -1.81 -22.31
N ASP A 155 -3.18 -1.76 -21.35
CA ASP A 155 -3.52 -2.11 -19.98
C ASP A 155 -4.61 -1.19 -19.45
N LEU A 156 -4.51 0.10 -19.75
CA LEU A 156 -5.51 1.06 -19.29
C LEU A 156 -6.90 0.69 -19.79
N GLU A 157 -6.99 0.41 -21.08
CA GLU A 157 -8.28 0.06 -21.66
C GLU A 157 -8.84 -1.22 -21.03
N ARG A 158 -7.97 -2.16 -20.70
CA ARG A 158 -8.45 -3.39 -20.07
C ARG A 158 -8.88 -3.13 -18.61
N LEU A 159 -8.20 -2.23 -17.91
CA LEU A 159 -8.58 -1.90 -16.55
C LEU A 159 -9.95 -1.24 -16.55
N MSE A 160 -10.27 -0.56 -17.66
CA MSE A 160 -11.55 0.13 -17.79
C MSE A 160 -12.68 -0.76 -18.26
O MSE A 160 -13.85 -0.33 -18.29
CB MSE A 160 -11.42 1.30 -18.79
CG MSE A 160 -10.51 2.43 -18.38
SE MSE A 160 -10.22 3.64 -19.89
CE MSE A 160 -11.99 4.36 -20.08
N ASN A 161 -12.36 -2.00 -18.64
CA ASN A 161 -13.37 -2.92 -19.12
C ASN A 161 -13.38 -4.28 -18.42
N HIS A 162 -12.94 -4.28 -17.16
CA HIS A 162 -12.92 -5.49 -16.35
C HIS A 162 -12.12 -6.64 -16.94
N GLU A 163 -11.14 -6.31 -17.77
CA GLU A 163 -10.31 -7.32 -18.42
C GLU A 163 -8.91 -7.46 -17.79
N LEU A 164 -8.60 -6.55 -16.87
CA LEU A 164 -7.34 -6.58 -16.13
C LEU A 164 -7.68 -6.24 -14.68
N LEU A 165 -7.30 -7.13 -13.77
CA LEU A 165 -7.53 -6.94 -12.34
C LEU A 165 -6.16 -7.06 -11.71
N TYR A 166 -5.73 -6.02 -11.00
CA TYR A 166 -4.41 -6.06 -10.42
C TYR A 166 -4.33 -6.77 -9.07
N VAL A 167 -4.65 -8.06 -9.10
CA VAL A 167 -4.56 -8.92 -7.92
C VAL A 167 -3.90 -10.19 -8.44
N GLY A 168 -2.94 -10.71 -7.68
CA GLY A 168 -2.25 -11.92 -8.09
C GLY A 168 -2.20 -12.94 -6.98
N THR A 169 -1.71 -14.12 -7.31
CA THR A 169 -1.64 -15.18 -6.32
C THR A 169 -0.63 -14.89 -5.21
N LEU A 170 0.40 -14.11 -5.53
CA LEU A 170 1.46 -13.84 -4.56
C LEU A 170 1.83 -12.44 -4.10
N ARG A 171 2.03 -11.53 -5.05
CA ARG A 171 2.53 -10.18 -4.74
C ARG A 171 1.61 -9.03 -4.35
N THR A 172 0.32 -9.25 -4.33
CA THR A 172 -0.62 -8.19 -4.00
C THR A 172 -0.64 -7.78 -2.54
N PRO A 173 -0.39 -6.49 -2.24
CA PRO A 173 -0.40 -6.00 -0.86
C PRO A 173 -1.83 -6.23 -0.40
N ILE A 174 -2.01 -6.83 0.78
CA ILE A 174 -3.34 -7.15 1.24
C ILE A 174 -4.39 -6.02 1.32
N SER A 175 -4.01 -4.81 1.70
CA SER A 175 -5.04 -3.76 1.78
C SER A 175 -5.57 -3.34 0.42
N HIS A 176 -4.94 -3.80 -0.66
CA HIS A 176 -5.43 -3.49 -2.00
C HIS A 176 -6.75 -4.24 -2.18
N LEU A 177 -6.92 -5.32 -1.42
CA LEU A 177 -8.15 -6.12 -1.47
C LEU A 177 -9.27 -5.43 -0.68
N GLY A 178 -8.88 -4.49 0.17
CA GLY A 178 -9.85 -3.75 0.97
C GLY A 178 -9.20 -3.08 2.16
N ASN A 179 -9.55 -1.81 2.41
CA ASN A 179 -8.97 -1.09 3.53
C ASN A 179 -9.69 -1.32 4.86
N THR A 180 -10.67 -2.21 4.86
CA THR A 180 -11.37 -2.57 6.08
C THR A 180 -11.65 -4.06 5.99
N ILE A 181 -11.65 -4.73 7.14
CA ILE A 181 -11.89 -6.16 7.15
C ILE A 181 -12.70 -6.53 8.39
N SER A 182 -13.54 -7.54 8.27
CA SER A 182 -14.32 -7.99 9.42
C SER A 182 -13.37 -8.76 10.32
N PHE A 183 -13.24 -8.33 11.57
CA PHE A 183 -12.36 -9.00 12.51
C PHE A 183 -13.12 -9.23 13.81
N LYS A 184 -13.16 -10.47 14.25
CA LYS A 184 -13.88 -10.82 15.47
C LYS A 184 -15.28 -10.21 15.43
N GLY A 185 -15.89 -10.24 14.24
CA GLY A 185 -17.24 -9.73 14.06
C GLY A 185 -17.44 -8.25 13.85
N VAL A 186 -16.37 -7.45 13.87
CA VAL A 186 -16.53 -6.01 13.69
C VAL A 186 -15.71 -5.48 12.52
N ASP A 187 -16.28 -4.54 11.77
CA ASP A 187 -15.60 -3.93 10.64
C ASP A 187 -14.43 -3.15 11.22
N THR A 188 -13.23 -3.54 10.81
CA THR A 188 -11.99 -2.96 11.33
C THR A 188 -11.12 -2.31 10.27
N ASN A 189 -10.60 -1.12 10.54
CA ASN A 189 -9.72 -0.43 9.60
C ASN A 189 -8.39 -1.17 9.57
N VAL A 190 -7.69 -1.10 8.44
CA VAL A 190 -6.41 -1.79 8.33
C VAL A 190 -5.27 -0.86 7.96
N SER A 191 -4.06 -1.29 8.28
CA SER A 191 -2.87 -0.50 7.98
C SER A 191 -2.62 -0.46 6.47
N SER A 192 -2.00 0.63 6.02
CA SER A 192 -1.66 0.79 4.60
C SER A 192 -0.20 0.39 4.36
N GLU A 193 0.53 0.10 5.43
CA GLU A 193 1.94 -0.28 5.33
C GLU A 193 2.11 -1.65 4.67
N TYR A 194 3.25 -1.84 4.01
CA TYR A 194 3.55 -3.09 3.35
C TYR A 194 3.95 -4.12 4.41
N PHE A 195 2.99 -4.97 4.80
CA PHE A 195 3.23 -5.98 5.82
C PHE A 195 2.91 -7.40 5.36
N ALA A 196 1.81 -7.54 4.61
CA ALA A 196 1.39 -8.86 4.15
C ALA A 196 0.89 -8.82 2.70
N ILE A 197 1.06 -9.94 2.00
CA ILE A 197 0.65 -10.04 0.60
C ILE A 197 -0.23 -11.27 0.36
N THR A 198 -0.78 -11.38 -0.84
CA THR A 198 -1.63 -12.52 -1.16
C THR A 198 -0.91 -13.85 -0.98
N ALA A 199 0.41 -13.86 -1.13
CA ALA A 199 1.16 -15.10 -0.94
C ALA A 199 0.89 -15.64 0.47
N ASP A 200 0.83 -14.73 1.45
CA ASP A 200 0.58 -15.10 2.85
C ASP A 200 -0.80 -15.72 3.01
N ILE A 201 -1.78 -15.12 2.34
CA ILE A 201 -3.14 -15.63 2.38
C ILE A 201 -3.17 -17.00 1.69
N SER A 202 -2.55 -17.07 0.52
CA SER A 202 -2.53 -18.31 -0.25
C SER A 202 -1.92 -19.49 0.51
N VAL A 203 -0.84 -19.23 1.25
CA VAL A 203 -0.20 -20.30 2.02
C VAL A 203 -1.03 -20.71 3.23
N VAL A 204 -1.55 -19.71 3.93
CA VAL A 204 -2.36 -19.98 5.12
C VAL A 204 -3.63 -20.75 4.79
N LEU A 205 -4.21 -20.48 3.63
CA LEU A 205 -5.43 -21.16 3.24
C LEU A 205 -5.19 -22.37 2.34
N GLU A 206 -3.92 -22.72 2.18
CA GLU A 206 -3.50 -23.87 1.38
C GLU A 206 -3.96 -23.84 -0.07
N LYS A 207 -3.88 -22.66 -0.70
CA LYS A 207 -4.25 -22.52 -2.10
C LYS A 207 -3.02 -22.69 -2.97
N VAL A 208 -1.85 -22.59 -2.33
CA VAL A 208 -0.54 -22.79 -2.97
C VAL A 208 0.35 -23.40 -1.88
N THR A 209 1.39 -24.13 -2.28
CA THR A 209 2.30 -24.72 -1.31
C THR A 209 3.31 -23.69 -0.83
N THR A 210 4.04 -24.03 0.22
CA THR A 210 5.05 -23.14 0.77
C THR A 210 6.14 -22.94 -0.28
N GLU A 211 6.40 -23.98 -1.05
CA GLU A 211 7.42 -23.94 -2.10
C GLU A 211 7.03 -22.98 -3.21
N GLU A 212 5.74 -22.79 -3.41
CA GLU A 212 5.26 -21.90 -4.47
C GLU A 212 5.25 -20.43 -4.06
N TYR A 213 5.65 -20.15 -2.82
CA TYR A 213 5.75 -18.78 -2.30
C TYR A 213 7.18 -18.41 -2.69
N THR A 214 7.35 -18.08 -3.96
CA THR A 214 8.65 -17.75 -4.55
C THR A 214 9.10 -16.29 -4.55
N CYS A 215 8.20 -15.36 -4.28
CA CYS A 215 8.57 -13.95 -4.24
C CYS A 215 9.14 -13.65 -2.84
N ASP A 216 9.79 -12.50 -2.68
CA ASP A 216 10.34 -12.15 -1.38
C ASP A 216 9.21 -11.92 -0.37
N THR A 217 9.41 -12.34 0.88
CA THR A 217 8.40 -12.12 1.90
C THR A 217 8.52 -10.64 2.27
N PRO A 218 7.42 -10.01 2.68
CA PRO A 218 7.47 -8.59 3.05
C PRO A 218 8.44 -8.24 4.19
N ASP A 219 8.63 -9.16 5.13
CA ASP A 219 9.50 -8.89 6.27
C ASP A 219 10.86 -9.60 6.21
N GLY A 220 11.11 -10.27 5.09
CA GLY A 220 12.36 -10.98 4.93
C GLY A 220 12.43 -12.29 5.70
N LYS A 221 11.30 -12.72 6.27
CA LYS A 221 11.30 -13.97 7.02
C LYS A 221 10.75 -15.17 6.24
N GLY A 222 10.45 -16.24 6.97
CA GLY A 222 9.96 -17.47 6.36
C GLY A 222 8.62 -17.43 5.66
N THR A 223 8.37 -18.46 4.84
CA THR A 223 7.14 -18.56 4.08
C THR A 223 6.15 -19.57 4.67
N ASP A 224 6.45 -20.07 5.86
CA ASP A 224 5.58 -21.04 6.53
C ASP A 224 4.31 -20.37 7.04
N LYS A 225 3.45 -21.13 7.38
CA LYS A 225 2.18 -20.63 7.86
C LYS A 225 2.28 -19.66 9.04
N ARG A 226 2.93 -20.08 10.08
CA ARG A 226 3.03 -19.18 11.21
C ARG A 226 3.65 -17.84 10.85
N SER A 227 4.70 -17.85 10.04
CA SER A 227 5.36 -16.61 9.64
C SER A 227 4.40 -15.76 8.83
N SER A 228 3.52 -16.41 8.08
CA SER A 228 2.55 -15.70 7.26
C SER A 228 1.49 -15.08 8.18
N LEU A 229 1.12 -15.80 9.24
CA LEU A 229 0.13 -15.29 10.19
C LEU A 229 0.71 -14.09 10.93
N VAL A 230 2.02 -14.11 11.18
CA VAL A 230 2.65 -13.00 11.85
C VAL A 230 2.52 -11.76 10.98
N ARG A 231 2.81 -11.91 9.69
CA ARG A 231 2.72 -10.79 8.76
C ARG A 231 1.29 -10.25 8.65
N ILE A 232 0.32 -11.16 8.56
CA ILE A 232 -1.08 -10.76 8.45
C ILE A 232 -1.55 -10.01 9.69
N SER A 233 -1.05 -10.41 10.85
CA SER A 233 -1.44 -9.75 12.09
C SER A 233 -0.98 -8.30 12.14
N LYS A 234 0.11 -7.98 11.43
CA LYS A 234 0.61 -6.61 11.44
C LYS A 234 -0.33 -5.67 10.68
N VAL A 235 -1.18 -6.24 9.84
CA VAL A 235 -2.13 -5.45 9.06
C VAL A 235 -3.10 -4.75 10.00
N LEU A 236 -3.35 -5.37 11.15
CA LEU A 236 -4.23 -4.81 12.16
C LEU A 236 -3.45 -4.19 13.32
N CYS A 237 -2.20 -3.81 13.04
CA CYS A 237 -1.33 -3.19 14.05
C CYS A 237 -1.24 -4.06 15.30
N SER A 238 -1.21 -5.37 15.10
CA SER A 238 -1.16 -6.29 16.21
C SER A 238 -0.12 -7.38 15.99
N ASP A 239 -0.11 -8.36 16.87
CA ASP A 239 0.82 -9.48 16.78
C ASP A 239 0.13 -10.70 17.36
N LEU A 240 0.81 -11.84 17.30
CA LEU A 240 0.22 -13.07 17.82
C LEU A 240 0.20 -13.19 19.33
N ASP A 241 0.49 -12.09 20.01
CA ASP A 241 0.44 -12.07 21.47
C ASP A 241 -0.89 -11.40 21.84
N GLN A 242 -1.30 -10.45 21.02
CA GLN A 242 -2.57 -9.74 21.25
C GLN A 242 -3.74 -10.50 20.63
N ILE A 243 -3.50 -11.16 19.50
CA ILE A 243 -4.56 -11.93 18.87
C ILE A 243 -4.05 -13.35 18.65
N SER A 244 -4.97 -14.30 18.59
CA SER A 244 -4.59 -15.70 18.43
C SER A 244 -4.32 -16.10 16.99
N GLU A 245 -3.76 -17.29 16.79
CA GLU A 245 -3.48 -17.76 15.44
C GLU A 245 -4.81 -17.99 14.73
N ILE A 246 -5.83 -18.39 15.48
CA ILE A 246 -7.15 -18.61 14.90
C ILE A 246 -7.73 -17.27 14.43
N ASP A 247 -7.52 -16.23 15.22
CA ASP A 247 -8.00 -14.88 14.87
C ASP A 247 -7.32 -14.41 13.59
N ALA A 248 -6.00 -14.57 13.56
CA ALA A 248 -5.21 -14.17 12.41
C ALA A 248 -5.62 -14.97 11.17
N GLU A 249 -5.86 -16.26 11.34
CA GLU A 249 -6.28 -17.07 10.20
C GLU A 249 -7.61 -16.55 9.69
N ASN A 250 -8.47 -16.10 10.60
CA ASN A 250 -9.78 -15.57 10.22
C ASN A 250 -9.66 -14.29 9.41
N ILE A 251 -8.59 -13.54 9.65
CA ILE A 251 -8.33 -12.32 8.89
C ILE A 251 -8.04 -12.78 7.46
N ALA A 252 -7.22 -13.82 7.33
CA ALA A 252 -6.87 -14.36 6.02
C ALA A 252 -8.11 -14.89 5.31
N LYS A 253 -8.95 -15.62 6.05
CA LYS A 253 -10.18 -16.16 5.45
C LYS A 253 -11.09 -15.07 4.95
N ASN A 254 -11.28 -14.02 5.75
CA ASN A 254 -12.16 -12.94 5.34
C ASN A 254 -11.60 -12.19 4.13
N TYR A 255 -10.29 -12.01 4.07
CA TYR A 255 -9.69 -11.34 2.92
C TYR A 255 -9.85 -12.23 1.68
N TYR A 256 -9.79 -13.54 1.88
CA TYR A 256 -9.94 -14.48 0.76
C TYR A 256 -11.29 -14.30 0.10
N GLU A 257 -12.33 -14.06 0.90
CA GLU A 257 -13.65 -13.86 0.34
C GLU A 257 -13.75 -12.54 -0.44
N LEU A 258 -13.00 -11.52 0.00
CA LEU A 258 -13.01 -10.24 -0.70
C LEU A 258 -12.33 -10.43 -2.04
N TRP A 259 -11.27 -11.22 -2.02
CA TRP A 259 -10.47 -11.56 -3.20
C TRP A 259 -11.35 -12.31 -4.21
N LYS A 260 -12.08 -13.31 -3.73
CA LYS A 260 -12.98 -14.07 -4.61
C LYS A 260 -14.01 -13.16 -5.26
N GLU A 261 -14.55 -12.20 -4.51
CA GLU A 261 -15.55 -11.30 -5.06
C GLU A 261 -14.96 -10.42 -6.17
N LEU A 262 -13.72 -9.95 -5.97
CA LEU A 262 -13.07 -9.11 -6.99
C LEU A 262 -12.99 -9.89 -8.31
N ILE A 263 -12.56 -11.15 -8.21
CA ILE A 263 -12.46 -11.97 -9.40
C ILE A 263 -13.84 -12.17 -10.02
N LEU A 264 -14.80 -12.56 -9.21
CA LEU A 264 -16.16 -12.81 -9.68
C LEU A 264 -16.83 -11.60 -10.35
N GLU A 265 -16.79 -10.45 -9.69
CA GLU A 265 -17.41 -9.25 -10.24
C GLU A 265 -16.90 -8.89 -11.63
N ASN A 266 -15.59 -8.98 -11.82
CA ASN A 266 -15.01 -8.66 -13.11
C ASN A 266 -15.41 -9.66 -14.18
N VAL A 267 -15.33 -10.94 -13.87
CA VAL A 267 -15.71 -11.96 -14.83
C VAL A 267 -17.19 -11.82 -15.21
N GLU A 268 -18.03 -11.52 -14.23
CA GLU A 268 -19.47 -11.37 -14.48
C GLU A 268 -19.75 -10.19 -15.42
N ASN A 269 -19.02 -9.10 -15.23
CA ASN A 269 -19.20 -7.92 -16.06
C ASN A 269 -18.84 -8.24 -17.51
N VAL A 270 -17.72 -8.93 -17.71
CA VAL A 270 -17.31 -9.29 -19.06
C VAL A 270 -18.33 -10.26 -19.66
N ALA A 271 -18.75 -11.23 -18.86
CA ALA A 271 -19.73 -12.22 -19.30
C ALA A 271 -21.05 -11.58 -19.69
N GLU A 272 -21.49 -10.60 -18.91
CA GLU A 272 -22.75 -9.92 -19.18
C GLU A 272 -22.72 -9.17 -20.52
N LYS A 273 -21.57 -8.62 -20.88
CA LYS A 273 -21.46 -7.88 -22.12
C LYS A 273 -21.32 -8.77 -23.34
N TYR A 274 -20.62 -9.88 -23.18
CA TYR A 274 -20.38 -10.79 -24.30
C TYR A 274 -21.22 -12.07 -24.29
N GLY A 275 -22.07 -12.22 -23.28
CA GLY A 275 -22.96 -13.38 -23.19
C GLY A 275 -22.31 -14.73 -22.98
N SER A 276 -21.01 -14.72 -22.68
CA SER A 276 -20.28 -15.95 -22.45
C SER A 276 -20.58 -16.56 -21.08
N LYS A 277 -20.61 -17.88 -21.02
CA LYS A 277 -20.88 -18.57 -19.76
C LYS A 277 -19.74 -19.53 -19.43
N LYS A 278 -18.91 -19.82 -20.42
CA LYS A 278 -17.78 -20.72 -20.23
C LYS A 278 -16.51 -19.97 -19.88
N VAL A 279 -15.81 -20.45 -18.86
CA VAL A 279 -14.56 -19.83 -18.46
C VAL A 279 -13.44 -20.86 -18.44
N VAL A 280 -12.31 -20.50 -19.03
CA VAL A 280 -11.14 -21.37 -19.07
C VAL A 280 -10.12 -20.74 -18.12
N ILE A 281 -9.72 -21.47 -17.09
CA ILE A 281 -8.77 -20.95 -16.11
C ILE A 281 -7.40 -21.60 -16.18
N THR A 282 -6.38 -20.87 -15.75
CA THR A 282 -5.02 -21.40 -15.75
C THR A 282 -4.11 -20.54 -14.88
N GLY A 283 -2.90 -21.02 -14.64
CA GLY A 283 -1.95 -20.27 -13.83
C GLY A 283 -1.80 -20.80 -12.41
N LEU A 284 -0.83 -20.25 -11.70
CA LEU A 284 -0.56 -20.65 -10.31
C LEU A 284 -1.79 -20.48 -9.42
N GLY A 285 -2.67 -19.55 -9.78
CA GLY A 285 -3.85 -19.31 -8.97
C GLY A 285 -5.12 -20.06 -9.32
N GLU A 286 -5.02 -21.16 -10.06
CA GLU A 286 -6.20 -21.92 -10.45
C GLU A 286 -7.12 -22.28 -9.29
N ASN A 287 -6.54 -22.70 -8.16
CA ASN A 287 -7.34 -23.06 -6.99
C ASN A 287 -8.21 -21.91 -6.51
N ILE A 288 -7.67 -20.71 -6.58
CA ILE A 288 -8.40 -19.52 -6.16
C ILE A 288 -9.46 -19.19 -7.21
N LEU A 289 -9.08 -19.31 -8.47
CA LEU A 289 -10.00 -19.06 -9.58
C LEU A 289 -11.21 -19.98 -9.50
N LYS A 290 -10.96 -21.26 -9.25
CA LYS A 290 -12.04 -22.24 -9.15
C LYS A 290 -13.01 -21.85 -8.03
N ASP A 291 -12.46 -21.46 -6.89
CA ASP A 291 -13.30 -21.07 -5.76
C ASP A 291 -14.17 -19.87 -6.09
N ALA A 292 -13.59 -18.89 -6.79
CA ALA A 292 -14.33 -17.68 -7.13
C ALA A 292 -15.34 -17.80 -8.27
N LEU A 293 -15.08 -18.70 -9.21
CA LEU A 293 -15.94 -18.82 -10.39
C LEU A 293 -16.83 -20.06 -10.48
N ALA A 294 -17.29 -20.56 -9.33
CA ALA A 294 -18.16 -21.74 -9.32
C ALA A 294 -19.46 -21.50 -10.08
N ASP A 295 -19.90 -20.25 -10.17
CA ASP A 295 -21.13 -19.90 -10.87
C ASP A 295 -21.03 -20.06 -12.38
N PHE A 296 -19.82 -20.29 -12.89
CA PHE A 296 -19.63 -20.45 -14.34
C PHE A 296 -19.26 -21.88 -14.70
N GLU A 297 -19.31 -22.19 -16.00
CA GLU A 297 -18.93 -23.51 -16.47
C GLU A 297 -17.42 -23.40 -16.58
N VAL A 298 -16.72 -24.02 -15.63
CA VAL A 298 -15.27 -23.94 -15.61
C VAL A 298 -14.49 -25.07 -16.27
N ILE A 299 -13.55 -24.67 -17.12
CA ILE A 299 -12.68 -25.59 -17.81
C ILE A 299 -11.28 -25.31 -17.28
N SER A 300 -10.68 -26.30 -16.65
CA SER A 300 -9.35 -26.15 -16.07
C SER A 300 -8.22 -26.65 -16.96
N VAL A 301 -7.24 -25.78 -17.20
CA VAL A 301 -6.09 -26.15 -18.02
C VAL A 301 -5.26 -27.21 -17.31
N ALA A 302 -5.10 -27.05 -15.99
CA ALA A 302 -4.34 -27.99 -15.20
C ALA A 302 -4.98 -29.37 -15.22
N GLU A 303 -6.31 -29.40 -15.30
CA GLU A 303 -7.05 -30.65 -15.32
C GLU A 303 -7.05 -31.32 -16.69
N ARG A 304 -7.00 -30.52 -17.74
CA ARG A 304 -7.01 -31.05 -19.10
C ARG A 304 -5.63 -31.27 -19.70
N TYR A 305 -4.63 -30.52 -19.25
CA TYR A 305 -3.28 -30.65 -19.80
C TYR A 305 -2.19 -30.89 -18.75
N GLY A 306 -2.58 -30.93 -17.48
CA GLY A 306 -1.61 -31.15 -16.42
C GLY A 306 -1.20 -29.87 -15.72
N LYS A 307 -0.80 -29.97 -14.46
CA LYS A 307 -0.41 -28.79 -13.70
C LYS A 307 0.79 -28.07 -14.31
N ASP A 308 1.66 -28.83 -14.97
CA ASP A 308 2.84 -28.24 -15.59
C ASP A 308 2.48 -27.22 -16.67
N VAL A 309 1.53 -27.60 -17.53
CA VAL A 309 1.09 -26.70 -18.60
C VAL A 309 0.40 -25.49 -17.99
N SER A 310 -0.39 -25.74 -16.95
CA SER A 310 -1.13 -24.67 -16.26
C SER A 310 -0.17 -23.62 -15.69
N LEU A 311 1.02 -24.06 -15.29
CA LEU A 311 2.00 -23.15 -14.72
C LEU A 311 2.94 -22.57 -15.77
N ALA A 312 2.83 -23.07 -17.01
CA ALA A 312 3.67 -22.59 -18.11
C ALA A 312 2.80 -22.54 -19.36
N THR A 313 1.63 -21.92 -19.23
CA THR A 313 0.69 -21.83 -20.33
C THR A 313 1.18 -21.05 -21.56
N PRO A 314 1.75 -19.86 -21.35
CA PRO A 314 2.22 -19.10 -22.52
C PRO A 314 3.23 -19.85 -23.38
N SER A 315 4.16 -20.56 -22.73
CA SER A 315 5.17 -21.31 -23.47
C SER A 315 4.57 -22.47 -24.23
N PHE A 316 3.59 -23.14 -23.62
CA PHE A 316 2.92 -24.27 -24.24
C PHE A 316 2.01 -23.78 -25.36
N ALA A 317 1.36 -22.64 -25.13
CA ALA A 317 0.45 -22.05 -26.10
C ALA A 317 1.17 -21.70 -27.40
N VAL A 318 2.24 -20.92 -27.29
CA VAL A 318 3.00 -20.51 -28.48
C VAL A 318 3.57 -21.71 -29.23
N ALA A 319 3.72 -22.83 -28.54
CA ALA A 319 4.24 -24.04 -29.15
C ALA A 319 3.17 -24.65 -30.05
N GLU A 320 1.96 -24.77 -29.50
CA GLU A 320 0.84 -25.34 -30.26
C GLU A 320 0.47 -24.43 -31.43
N LEU A 321 0.52 -23.12 -31.20
CA LEU A 321 0.18 -22.14 -32.24
C LEU A 321 1.16 -22.21 -33.42
N LEU A 322 2.44 -22.33 -33.11
CA LEU A 322 3.47 -22.39 -34.15
C LEU A 322 3.26 -23.65 -34.98
N LYS A 323 2.84 -24.73 -34.33
CA LYS A 323 2.60 -25.99 -35.00
C LYS A 323 1.51 -25.84 -36.05
N ASN A 324 0.35 -25.35 -35.63
CA ASN A 324 -0.78 -25.17 -36.53
C ASN A 324 -0.51 -24.20 -37.68
N GLU A 325 0.28 -23.16 -37.43
CA GLU A 325 0.59 -22.19 -38.47
C GLU A 325 1.59 -22.72 -39.49
N LEU A 326 2.53 -23.54 -39.03
CA LEU A 326 3.53 -24.12 -39.92
C LEU A 326 2.92 -25.32 -40.65
N LEU A 327 1.81 -25.81 -40.09
CA LEU A 327 1.10 -26.95 -40.67
C LEU A 327 0.07 -26.42 -41.66
N GLU A 328 0.00 -25.11 -41.79
CA GLU A 328 -0.93 -24.46 -42.71
C GLU A 328 -0.46 -24.70 -44.14
N HIS A 329 0.81 -25.06 -44.28
CA HIS A 329 1.40 -25.32 -45.59
C HIS A 329 0.80 -26.58 -46.21
N MSE B 1 11.51 31.25 29.73
CA MSE B 1 11.13 30.47 28.53
C MSE B 1 10.89 29.02 28.93
O MSE B 1 11.61 28.47 29.77
CB MSE B 1 12.26 30.52 27.50
CG MSE B 1 11.89 30.10 26.10
SE MSE B 1 13.47 29.74 25.04
CE MSE B 1 14.35 31.45 25.21
N ILE B 2 9.86 28.41 28.35
CA ILE B 2 9.52 27.01 28.62
C ILE B 2 9.90 26.23 27.37
N LEU B 3 10.47 25.04 27.54
CA LEU B 3 10.83 24.21 26.38
C LEU B 3 9.96 22.97 26.31
N GLY B 4 9.38 22.72 25.15
CA GLY B 4 8.59 21.53 24.93
C GLY B 4 9.39 20.72 23.94
N ILE B 5 9.84 19.53 24.33
CA ILE B 5 10.67 18.70 23.45
C ILE B 5 9.97 17.39 23.11
N ASP B 6 9.79 17.14 21.82
CA ASP B 6 9.17 15.90 21.36
C ASP B 6 10.21 15.10 20.59
N ILE B 7 10.66 14.01 21.18
CA ILE B 7 11.67 13.16 20.54
C ILE B 7 11.02 12.01 19.78
N GLY B 8 11.06 12.10 18.45
CA GLY B 8 10.49 11.04 17.62
C GLY B 8 11.58 10.03 17.28
N GLY B 9 11.24 9.03 16.47
CA GLY B 9 12.23 8.04 16.11
C GLY B 9 13.40 8.59 15.31
N ALA B 10 13.14 9.57 14.45
CA ALA B 10 14.18 10.16 13.62
C ALA B 10 14.22 11.68 13.67
N ASN B 11 13.10 12.30 14.03
CA ASN B 11 13.06 13.75 14.10
C ASN B 11 12.61 14.26 15.45
N THR B 12 13.31 15.28 15.94
CA THR B 12 12.99 15.89 17.22
C THR B 12 12.43 17.28 16.95
N LYS B 13 11.39 17.65 17.70
CA LYS B 13 10.76 18.95 17.54
C LYS B 13 10.86 19.68 18.86
N ILE B 14 11.32 20.92 18.84
CA ILE B 14 11.46 21.70 20.05
C ILE B 14 10.67 23.00 19.97
N THR B 15 9.80 23.22 20.94
CA THR B 15 9.01 24.43 20.98
C THR B 15 9.52 25.33 22.10
N GLU B 16 9.82 26.58 21.77
CA GLU B 16 10.27 27.55 22.75
C GLU B 16 9.03 28.40 23.02
N LEU B 17 8.47 28.30 24.22
CA LEU B 17 7.29 29.07 24.58
C LEU B 17 7.68 30.18 25.55
N HIS B 18 7.58 31.43 25.10
CA HIS B 18 7.95 32.59 25.91
C HIS B 18 6.85 33.08 26.84
N GLU B 19 7.28 33.74 27.91
CA GLU B 19 6.35 34.26 28.90
C GLU B 19 5.29 35.17 28.30
N ASN B 20 5.63 35.89 27.23
CA ASN B 20 4.66 36.78 26.60
C ASN B 20 3.75 36.09 25.59
N GLY B 21 3.89 34.76 25.45
CA GLY B 21 3.04 34.03 24.54
C GLY B 21 3.64 33.77 23.17
N GLU B 22 4.76 34.41 22.86
CA GLU B 22 5.41 34.21 21.57
C GLU B 22 6.08 32.84 21.62
N PHE B 23 6.16 32.18 20.47
CA PHE B 23 6.79 30.88 20.42
C PHE B 23 7.47 30.63 19.09
N LYS B 24 8.38 29.66 19.08
CA LYS B 24 9.13 29.30 17.90
C LYS B 24 9.33 27.79 17.95
N VAL B 25 9.19 27.14 16.80
CA VAL B 25 9.37 25.70 16.74
C VAL B 25 10.62 25.37 15.94
N HIS B 26 11.48 24.53 16.51
CA HIS B 26 12.71 24.11 15.86
C HIS B 26 12.62 22.65 15.48
N HIS B 27 13.33 22.26 14.42
CA HIS B 27 13.34 20.88 13.96
C HIS B 27 14.77 20.37 13.88
N LEU B 28 14.99 19.16 14.39
CA LEU B 28 16.32 18.56 14.41
C LEU B 28 16.29 17.09 14.02
N TYR B 29 17.19 16.70 13.11
CA TYR B 29 17.27 15.31 12.69
C TYR B 29 18.10 14.59 13.73
N PHE B 30 17.50 13.60 14.40
CA PHE B 30 18.20 12.85 15.43
C PHE B 30 17.73 11.40 15.49
N PRO B 31 18.46 10.50 14.81
CA PRO B 31 18.10 9.08 14.81
C PRO B 31 18.26 8.51 16.22
N MSE B 32 17.17 8.03 16.80
CA MSE B 32 17.20 7.47 18.16
C MSE B 32 17.95 6.15 18.26
O MSE B 32 18.33 5.74 19.36
CB MSE B 32 15.78 7.27 18.68
CG MSE B 32 15.20 8.45 19.39
SE MSE B 32 13.51 7.96 20.17
CE MSE B 32 14.16 6.96 21.69
N TRP B 33 18.16 5.48 17.13
CA TRP B 33 18.84 4.20 17.16
C TRP B 33 20.36 4.32 17.18
N LYS B 34 20.86 5.56 17.25
CA LYS B 34 22.30 5.80 17.30
C LYS B 34 22.68 6.63 18.52
N ASN B 35 23.94 7.06 18.60
CA ASN B 35 24.40 7.84 19.75
C ASN B 35 23.59 9.12 19.96
N ASN B 36 23.56 9.59 21.21
CA ASN B 36 22.80 10.79 21.56
C ASN B 36 23.60 12.08 21.61
N ASP B 37 24.84 12.06 21.12
CA ASP B 37 25.68 13.25 21.18
C ASP B 37 25.08 14.52 20.57
N LYS B 38 24.49 14.39 19.39
CA LYS B 38 23.89 15.56 18.74
C LYS B 38 22.75 16.15 19.56
N LEU B 39 21.90 15.28 20.11
CA LEU B 39 20.78 15.72 20.92
C LEU B 39 21.31 16.45 22.15
N ALA B 40 22.29 15.85 22.83
CA ALA B 40 22.87 16.45 24.02
C ALA B 40 23.44 17.83 23.68
N GLU B 41 24.15 17.91 22.56
CA GLU B 41 24.77 19.16 22.11
C GLU B 41 23.73 20.27 21.90
N VAL B 42 22.65 19.96 21.20
CA VAL B 42 21.61 20.95 20.95
C VAL B 42 20.91 21.39 22.22
N LEU B 43 20.58 20.43 23.09
CA LEU B 43 19.91 20.76 24.33
C LEU B 43 20.77 21.60 25.26
N LYS B 44 22.08 21.45 25.16
CA LYS B 44 22.99 22.21 26.02
C LYS B 44 23.00 23.71 25.75
N THR B 45 22.59 24.13 24.56
CA THR B 45 22.57 25.56 24.28
C THR B 45 21.48 26.26 25.08
N TYR B 46 20.65 25.46 25.75
CA TYR B 46 19.55 26.00 26.57
C TYR B 46 19.85 25.83 28.06
N SER B 47 20.95 25.14 28.35
CA SER B 47 21.37 24.84 29.72
C SER B 47 21.43 25.97 30.74
N ASN B 48 21.98 27.12 30.36
CA ASN B 48 22.09 28.21 31.32
C ASN B 48 21.01 29.28 31.25
N ASP B 49 19.91 29.01 30.55
CA ASP B 49 18.82 29.98 30.43
C ASP B 49 17.47 29.36 30.73
N VAL B 50 17.38 28.04 30.55
CA VAL B 50 16.13 27.32 30.74
C VAL B 50 16.16 26.32 31.89
N SER B 51 15.13 26.35 32.74
CA SER B 51 15.03 25.41 33.85
C SER B 51 13.67 24.68 33.84
N HIS B 52 12.77 25.13 32.97
CA HIS B 52 11.45 24.50 32.85
C HIS B 52 11.40 23.78 31.50
N VAL B 53 11.46 22.46 31.55
CA VAL B 53 11.46 21.65 30.34
C VAL B 53 10.46 20.51 30.39
N ALA B 54 9.67 20.39 29.32
CA ALA B 54 8.67 19.32 29.20
C ALA B 54 9.24 18.42 28.11
N LEU B 55 9.40 17.14 28.43
CA LEU B 55 9.96 16.18 27.48
C LEU B 55 9.02 15.01 27.21
N VAL B 56 8.81 14.72 25.92
CA VAL B 56 7.95 13.61 25.54
C VAL B 56 8.63 12.86 24.39
N THR B 57 8.50 11.54 24.37
CA THR B 57 9.07 10.76 23.28
C THR B 57 7.93 10.01 22.61
N THR B 58 7.71 10.33 21.35
CA THR B 58 6.64 9.74 20.56
C THR B 58 7.15 8.70 19.56
N ALA B 59 8.44 8.39 19.64
CA ALA B 59 9.04 7.42 18.74
C ALA B 59 8.32 6.08 18.73
N GLU B 60 7.93 5.66 17.53
CA GLU B 60 7.24 4.39 17.32
C GLU B 60 8.23 3.45 16.63
N LEU B 61 8.76 3.90 15.50
CA LEU B 61 9.73 3.16 14.70
C LEU B 61 9.59 1.63 14.73
N ALA B 62 8.36 1.16 14.85
CA ALA B 62 8.07 -0.28 14.88
C ALA B 62 9.24 -1.14 15.35
N ASP B 63 9.85 -1.85 14.41
CA ASP B 63 10.98 -2.72 14.72
C ASP B 63 12.30 -1.98 14.49
N SER B 64 12.90 -1.52 15.58
CA SER B 64 14.16 -0.78 15.51
C SER B 64 15.33 -1.58 16.09
N TYR B 65 15.08 -2.84 16.42
CA TYR B 65 16.11 -3.71 16.97
C TYR B 65 16.81 -3.13 18.20
N GLU B 66 16.08 -2.31 18.97
CA GLU B 66 16.65 -1.72 20.16
C GLU B 66 15.63 -1.82 21.29
N THR B 67 16.10 -2.11 22.50
CA THR B 67 15.20 -2.23 23.64
C THR B 67 14.61 -0.88 23.99
N LYS B 68 13.45 -0.88 24.63
CA LYS B 68 12.81 0.37 25.03
C LYS B 68 13.69 1.05 26.07
N LYS B 69 14.32 0.25 26.93
CA LYS B 69 15.17 0.80 27.98
C LYS B 69 16.35 1.61 27.45
N GLU B 70 17.09 1.08 26.48
CA GLU B 70 18.21 1.81 25.93
C GLU B 70 17.77 3.08 25.21
N GLY B 71 16.67 2.99 24.47
CA GLY B 71 16.16 4.15 23.75
C GLY B 71 15.80 5.26 24.71
N VAL B 72 15.00 4.93 25.71
CA VAL B 72 14.59 5.90 26.71
C VAL B 72 15.80 6.42 27.49
N ASP B 73 16.66 5.51 27.96
CA ASP B 73 17.84 5.91 28.71
C ASP B 73 18.70 6.93 27.95
N ASN B 74 18.93 6.68 26.67
CA ASN B 74 19.74 7.58 25.87
C ASN B 74 19.12 8.96 25.77
N ILE B 75 17.81 9.02 25.61
CA ILE B 75 17.13 10.30 25.52
C ILE B 75 17.22 11.04 26.85
N LEU B 76 16.82 10.36 27.92
CA LEU B 76 16.85 10.98 29.24
C LEU B 76 18.25 11.44 29.65
N ASN B 77 19.27 10.69 29.25
CA ASN B 77 20.63 11.06 29.60
C ASN B 77 21.10 12.29 28.82
N ALA B 78 20.63 12.42 27.59
CA ALA B 78 20.99 13.56 26.75
C ALA B 78 20.36 14.82 27.35
N ALA B 79 19.11 14.68 27.79
CA ALA B 79 18.39 15.79 28.39
C ALA B 79 18.98 16.14 29.75
N GLU B 80 19.30 15.12 30.53
CA GLU B 80 19.87 15.31 31.86
C GLU B 80 21.25 15.99 31.80
N SER B 81 22.01 15.71 30.75
CA SER B 81 23.34 16.31 30.62
C SER B 81 23.21 17.80 30.31
N ALA B 82 21.99 18.24 30.00
CA ALA B 82 21.76 19.64 29.67
C ALA B 82 20.94 20.38 30.71
N PHE B 83 20.00 19.69 31.35
CA PHE B 83 19.13 20.32 32.34
C PHE B 83 19.18 19.67 33.71
N GLY B 84 20.02 18.65 33.86
CA GLY B 84 20.11 17.98 35.15
C GLY B 84 18.77 17.39 35.56
N SER B 85 18.32 17.75 36.76
CA SER B 85 17.06 17.24 37.30
C SER B 85 15.89 18.15 36.92
N ASN B 86 16.17 19.24 36.22
CA ASN B 86 15.15 20.19 35.81
C ASN B 86 14.44 19.73 34.54
N ILE B 87 13.81 18.55 34.60
CA ILE B 87 13.08 18.01 33.46
C ILE B 87 11.79 17.33 33.89
N SER B 88 10.70 17.64 33.19
CA SER B 88 9.42 17.03 33.49
C SER B 88 9.12 16.13 32.30
N VAL B 89 9.04 14.83 32.52
CA VAL B 89 8.77 13.91 31.43
C VAL B 89 7.30 13.51 31.36
N PHE B 90 6.70 13.70 30.19
CA PHE B 90 5.31 13.39 29.95
C PHE B 90 5.20 11.91 29.62
N ASP B 91 4.66 11.11 30.54
CA ASP B 91 4.58 9.67 30.29
C ASP B 91 3.38 9.20 29.47
N SER B 92 3.37 7.91 29.17
CA SER B 92 2.32 7.29 28.37
C SER B 92 0.93 7.52 28.95
N ASN B 93 0.84 7.71 30.26
CA ASN B 93 -0.44 7.91 30.93
C ASN B 93 -0.88 9.37 30.84
N GLY B 94 -0.06 10.21 30.22
CA GLY B 94 -0.39 11.61 30.09
C GLY B 94 -0.07 12.46 31.31
N ASN B 95 0.78 11.95 32.19
CA ASN B 95 1.17 12.68 33.39
C ASN B 95 2.64 13.04 33.37
N PHE B 96 2.98 14.15 34.02
CA PHE B 96 4.38 14.58 34.10
C PHE B 96 5.00 13.86 35.29
N ILE B 97 6.16 13.26 35.08
CA ILE B 97 6.87 12.58 36.15
C ILE B 97 8.30 13.08 36.16
N SER B 98 9.02 12.84 37.25
CA SER B 98 10.40 13.29 37.37
C SER B 98 11.34 12.49 36.49
N LEU B 99 12.54 13.03 36.30
CA LEU B 99 13.57 12.40 35.49
C LEU B 99 13.92 11.03 36.06
N GLU B 100 14.12 10.97 37.37
CA GLU B 100 14.45 9.71 38.03
C GLU B 100 13.31 8.71 37.92
N SER B 101 12.08 9.20 38.00
CA SER B 101 10.92 8.33 37.89
C SER B 101 10.85 7.74 36.48
N ALA B 102 11.26 8.52 35.50
CA ALA B 102 11.26 8.07 34.11
C ALA B 102 12.29 6.97 33.92
N LYS B 103 13.49 7.18 34.45
CA LYS B 103 14.57 6.19 34.34
C LYS B 103 14.09 4.86 34.93
N THR B 104 13.61 4.91 36.16
CA THR B 104 13.14 3.73 36.87
C THR B 104 12.00 3.02 36.13
N ASN B 105 10.98 3.78 35.76
CA ASN B 105 9.83 3.23 35.07
C ASN B 105 9.92 3.56 33.57
N ASN B 106 11.02 3.11 32.96
CA ASN B 106 11.25 3.37 31.54
C ASN B 106 10.18 2.79 30.61
N MSE B 107 9.58 1.68 31.01
CA MSE B 107 8.55 1.04 30.20
C MSE B 107 7.28 1.86 30.02
O MSE B 107 6.46 1.56 29.15
CB MSE B 107 8.19 -0.33 30.78
CG MSE B 107 9.25 -1.41 30.60
SE MSE B 107 9.60 -1.81 28.74
CE MSE B 107 8.19 -3.10 28.45
N LYS B 108 7.11 2.89 30.85
CA LYS B 108 5.92 3.73 30.77
C LYS B 108 6.22 5.17 30.34
N VAL B 109 7.34 5.37 29.65
CA VAL B 109 7.73 6.70 29.19
C VAL B 109 7.21 7.03 27.79
N SER B 110 7.52 6.17 26.82
CA SER B 110 7.10 6.41 25.44
C SER B 110 5.59 6.59 25.31
N ALA B 111 5.19 7.68 24.67
CA ALA B 111 3.78 7.98 24.48
C ALA B 111 3.40 7.95 23.01
N SER B 112 2.10 7.91 22.76
CA SER B 112 1.59 7.91 21.39
C SER B 112 1.76 9.32 20.85
N ASN B 113 1.72 9.45 19.55
CA ASN B 113 1.87 10.77 18.93
C ASN B 113 0.69 11.68 19.27
N TRP B 114 -0.45 11.11 19.64
CA TRP B 114 -1.64 11.91 19.95
C TRP B 114 -1.94 12.14 21.42
N CYS B 115 -1.29 11.39 22.31
CA CYS B 115 -1.54 11.50 23.75
C CYS B 115 -1.43 12.93 24.31
N GLY B 116 -0.28 13.55 24.13
CA GLY B 116 -0.09 14.90 24.63
C GLY B 116 -1.04 15.90 24.00
N THR B 117 -1.15 15.82 22.68
CA THR B 117 -2.03 16.71 21.92
C THR B 117 -3.48 16.63 22.40
N ALA B 118 -3.99 15.40 22.59
CA ALA B 118 -5.35 15.22 23.05
C ALA B 118 -5.56 15.78 24.46
N LYS B 119 -4.62 15.55 25.36
CA LYS B 119 -4.78 16.07 26.71
C LYS B 119 -4.75 17.59 26.68
N TRP B 120 -3.86 18.15 25.85
CA TRP B 120 -3.76 19.61 25.74
C TRP B 120 -5.09 20.18 25.25
N VAL B 121 -5.68 19.53 24.25
CA VAL B 121 -6.96 19.98 23.74
C VAL B 121 -8.01 19.96 24.84
N SER B 122 -8.05 18.86 25.59
CA SER B 122 -9.03 18.70 26.67
C SER B 122 -8.89 19.76 27.76
N LYS B 123 -7.69 20.30 27.93
CA LYS B 123 -7.44 21.29 28.97
C LYS B 123 -7.51 22.75 28.49
N ASN B 124 -6.86 23.02 27.37
CA ASN B 124 -6.78 24.37 26.86
C ASN B 124 -7.70 24.78 25.72
N ILE B 125 -8.33 23.83 25.06
CA ILE B 125 -9.19 24.16 23.94
C ILE B 125 -10.68 23.84 24.13
N GLU B 126 -11.02 22.56 24.25
CA GLU B 126 -12.42 22.17 24.41
C GLU B 126 -12.56 20.88 25.21
N GLU B 127 -13.53 20.84 26.13
CA GLU B 127 -13.72 19.67 26.97
C GLU B 127 -14.60 18.58 26.37
N ASN B 128 -15.36 18.92 25.34
CA ASN B 128 -16.22 17.96 24.66
C ASN B 128 -16.05 18.15 23.17
N CYS B 129 -15.25 17.29 22.56
CA CYS B 129 -14.98 17.39 21.13
C CYS B 129 -14.27 16.14 20.65
N ILE B 130 -13.85 16.17 19.40
CA ILE B 130 -13.11 15.06 18.81
C ILE B 130 -11.86 15.66 18.17
N LEU B 131 -10.70 15.15 18.57
CA LEU B 131 -9.44 15.61 17.98
C LEU B 131 -9.22 14.79 16.72
N VAL B 132 -8.91 15.45 15.62
CA VAL B 132 -8.63 14.75 14.38
C VAL B 132 -7.27 15.26 13.92
N ASP B 133 -6.26 14.41 14.05
CA ASP B 133 -4.89 14.76 13.69
C ASP B 133 -4.43 13.87 12.55
N MSE B 134 -4.23 14.47 11.38
CA MSE B 134 -3.76 13.68 10.24
C MSE B 134 -2.39 14.17 9.86
O MSE B 134 -2.21 15.32 9.44
CB MSE B 134 -4.70 13.81 9.05
CG MSE B 134 -4.28 12.94 7.88
SE MSE B 134 -5.65 12.71 6.53
CE MSE B 134 -5.32 14.33 5.53
N GLY B 135 -1.40 13.29 10.01
CA GLY B 135 -0.04 13.61 9.68
C GLY B 135 0.32 13.11 8.29
N SER B 136 1.51 12.55 8.16
CA SER B 136 1.95 12.06 6.87
C SER B 136 1.41 10.69 6.54
N THR B 137 1.10 9.91 7.58
CA THR B 137 0.67 8.53 7.38
C THR B 137 -0.65 8.09 8.00
N THR B 138 -0.96 8.60 9.19
CA THR B 138 -2.17 8.19 9.88
C THR B 138 -3.09 9.33 10.26
N THR B 139 -4.32 8.98 10.60
CA THR B 139 -5.30 9.95 11.04
C THR B 139 -5.81 9.45 12.39
N ASP B 140 -5.62 10.24 13.43
CA ASP B 140 -6.08 9.87 14.75
C ASP B 140 -7.40 10.60 15.00
N ILE B 141 -8.42 9.86 15.43
CA ILE B 141 -9.73 10.42 15.71
C ILE B 141 -9.97 10.10 17.17
N ILE B 142 -9.70 11.08 18.03
CA ILE B 142 -9.75 10.91 19.48
C ILE B 142 -10.87 11.65 20.20
N PRO B 143 -11.78 10.90 20.84
CA PRO B 143 -12.88 11.54 21.55
C PRO B 143 -12.45 12.12 22.90
N ILE B 144 -12.99 13.29 23.22
CA ILE B 144 -12.70 13.97 24.48
C ILE B 144 -14.07 14.24 25.09
N VAL B 145 -14.28 13.71 26.30
CA VAL B 145 -15.56 13.85 26.98
C VAL B 145 -15.38 14.43 28.38
N GLU B 146 -16.07 15.53 28.65
CA GLU B 146 -15.99 16.17 29.95
C GLU B 146 -14.55 16.39 30.40
N GLY B 147 -13.72 16.88 29.47
CA GLY B 147 -12.33 17.17 29.78
C GLY B 147 -11.41 15.99 29.95
N LYS B 148 -11.89 14.80 29.56
CA LYS B 148 -11.09 13.59 29.68
C LYS B 148 -10.94 12.92 28.32
N VAL B 149 -9.73 12.49 27.98
CA VAL B 149 -9.51 11.82 26.71
C VAL B 149 -9.96 10.38 26.95
N VAL B 150 -10.88 9.89 26.12
CA VAL B 150 -11.42 8.54 26.29
C VAL B 150 -11.29 7.63 25.08
N ALA B 151 -10.14 7.68 24.42
CA ALA B 151 -9.88 6.85 23.25
C ALA B 151 -9.57 5.43 23.70
N GLU B 152 -9.71 4.48 22.78
CA GLU B 152 -9.40 3.09 23.09
C GLU B 152 -7.90 2.98 23.39
N LYS B 153 -7.53 1.96 24.17
CA LYS B 153 -6.15 1.76 24.58
C LYS B 153 -5.12 1.41 23.50
N THR B 154 -5.34 0.31 22.81
CA THR B 154 -4.40 -0.14 21.79
C THR B 154 -4.80 0.30 20.38
N ASP B 155 -3.84 0.26 19.46
CA ASP B 155 -4.13 0.65 18.09
C ASP B 155 -5.17 -0.28 17.48
N LEU B 156 -5.08 -1.58 17.79
CA LEU B 156 -6.05 -2.54 17.27
C LEU B 156 -7.45 -2.13 17.70
N GLU B 157 -7.60 -1.80 18.97
CA GLU B 157 -8.92 -1.40 19.46
C GLU B 157 -9.38 -0.12 18.79
N ARG B 158 -8.46 0.80 18.50
CA ARG B 158 -8.83 2.03 17.82
C ARG B 158 -9.24 1.72 16.37
N LEU B 159 -8.56 0.76 15.75
CA LEU B 159 -8.89 0.37 14.37
C LEU B 159 -10.30 -0.23 14.34
N MSE B 160 -10.71 -0.86 15.44
CA MSE B 160 -12.02 -1.47 15.53
C MSE B 160 -13.11 -0.49 15.93
O MSE B 160 -14.30 -0.83 15.89
CB MSE B 160 -11.98 -2.63 16.54
CG MSE B 160 -11.14 -3.83 16.12
SE MSE B 160 -10.91 -5.13 17.55
CE MSE B 160 -12.53 -6.16 17.31
N ASN B 161 -12.73 0.72 16.31
CA ASN B 161 -13.72 1.71 16.74
C ASN B 161 -13.59 3.08 16.05
N HIS B 162 -13.14 3.06 14.80
CA HIS B 162 -12.99 4.27 13.99
C HIS B 162 -12.14 5.38 14.59
N GLU B 163 -11.19 5.02 15.46
CA GLU B 163 -10.34 6.03 16.09
C GLU B 163 -8.93 6.10 15.51
N LEU B 164 -8.65 5.18 14.58
CA LEU B 164 -7.36 5.16 13.89
C LEU B 164 -7.68 4.78 12.45
N LEU B 165 -7.26 5.63 11.53
CA LEU B 165 -7.48 5.41 10.10
C LEU B 165 -6.15 5.57 9.38
N TYR B 166 -5.75 4.56 8.61
CA TYR B 166 -4.50 4.64 7.90
C TYR B 166 -4.52 5.37 6.57
N VAL B 167 -4.81 6.66 6.66
CA VAL B 167 -4.77 7.53 5.49
C VAL B 167 -3.99 8.71 6.04
N GLY B 168 -3.01 9.17 5.25
CA GLY B 168 -2.19 10.29 5.67
C GLY B 168 -2.06 11.25 4.53
N THR B 169 -1.51 12.42 4.81
CA THR B 169 -1.34 13.46 3.81
C THR B 169 -0.34 13.13 2.71
N LEU B 170 0.67 12.32 3.05
CA LEU B 170 1.73 12.00 2.08
C LEU B 170 2.03 10.56 1.69
N ARG B 171 2.16 9.69 2.70
CA ARG B 171 2.58 8.31 2.46
C ARG B 171 1.60 7.20 2.10
N THR B 172 0.32 7.51 1.99
CA THR B 172 -0.64 6.46 1.68
C THR B 172 -0.65 6.01 0.22
N PRO B 173 -0.40 4.72 -0.04
CA PRO B 173 -0.42 4.25 -1.44
C PRO B 173 -1.83 4.55 -1.91
N ILE B 174 -1.96 5.10 -3.11
CA ILE B 174 -3.30 5.45 -3.58
C ILE B 174 -4.34 4.34 -3.62
N SER B 175 -3.95 3.11 -3.96
CA SER B 175 -4.95 2.05 -4.04
C SER B 175 -5.52 1.67 -2.68
N HIS B 176 -4.87 2.09 -1.60
CA HIS B 176 -5.39 1.81 -0.26
C HIS B 176 -6.71 2.56 -0.11
N LEU B 177 -6.83 3.66 -0.84
CA LEU B 177 -8.05 4.47 -0.80
C LEU B 177 -9.21 3.78 -1.54
N GLY B 178 -8.87 2.87 -2.44
CA GLY B 178 -9.89 2.15 -3.20
C GLY B 178 -9.24 1.45 -4.38
N ASN B 179 -9.62 0.21 -4.65
CA ASN B 179 -9.01 -0.51 -5.76
C ASN B 179 -9.68 -0.28 -7.11
N THR B 180 -10.68 0.58 -7.14
CA THR B 180 -11.34 0.94 -8.39
C THR B 180 -11.64 2.43 -8.29
N ILE B 181 -11.72 3.09 -9.43
CA ILE B 181 -11.97 4.51 -9.45
C ILE B 181 -12.75 4.82 -10.72
N SER B 182 -13.64 5.82 -10.66
CA SER B 182 -14.39 6.20 -11.84
C SER B 182 -13.45 6.93 -12.78
N PHE B 183 -13.41 6.50 -14.04
CA PHE B 183 -12.56 7.14 -15.03
C PHE B 183 -13.30 7.19 -16.36
N LYS B 184 -13.46 8.40 -16.88
CA LYS B 184 -14.20 8.59 -18.12
C LYS B 184 -15.60 7.97 -18.02
N GLY B 185 -16.20 8.07 -16.83
CA GLY B 185 -17.54 7.56 -16.61
C GLY B 185 -17.74 6.08 -16.30
N VAL B 186 -16.66 5.29 -16.26
CA VAL B 186 -16.80 3.87 -15.96
C VAL B 186 -15.92 3.43 -14.81
N ASP B 187 -16.37 2.38 -14.10
CA ASP B 187 -15.61 1.86 -12.96
C ASP B 187 -14.36 1.21 -13.53
N THR B 188 -13.20 1.72 -13.10
CA THR B 188 -11.93 1.26 -13.59
C THR B 188 -11.05 0.64 -12.51
N ASN B 189 -10.50 -0.53 -12.78
CA ASN B 189 -9.62 -1.17 -11.81
C ASN B 189 -8.29 -0.43 -11.78
N VAL B 190 -7.58 -0.51 -10.66
CA VAL B 190 -6.31 0.19 -10.54
C VAL B 190 -5.17 -0.72 -10.12
N SER B 191 -3.95 -0.28 -10.42
CA SER B 191 -2.76 -1.05 -10.09
C SER B 191 -2.54 -1.13 -8.58
N SER B 192 -1.96 -2.23 -8.13
CA SER B 192 -1.66 -2.42 -6.71
C SER B 192 -0.22 -2.00 -6.46
N GLU B 193 0.52 -1.75 -7.54
CA GLU B 193 1.93 -1.35 -7.44
C GLU B 193 2.13 -0.01 -6.74
N TYR B 194 3.28 0.14 -6.09
CA TYR B 194 3.62 1.38 -5.39
C TYR B 194 4.12 2.38 -6.43
N PHE B 195 3.19 3.14 -7.01
CA PHE B 195 3.55 4.12 -8.04
C PHE B 195 3.21 5.54 -7.62
N ALA B 196 2.13 5.69 -6.85
CA ALA B 196 1.69 7.01 -6.41
C ALA B 196 1.14 6.97 -5.00
N ILE B 197 1.27 8.08 -4.30
CA ILE B 197 0.81 8.18 -2.93
C ILE B 197 -0.02 9.43 -2.70
N THR B 198 -0.59 9.56 -1.51
CA THR B 198 -1.40 10.72 -1.23
C THR B 198 -0.66 12.05 -1.40
N ALA B 199 0.67 12.03 -1.26
CA ALA B 199 1.44 13.25 -1.43
C ALA B 199 1.21 13.79 -2.85
N ASP B 200 1.12 12.88 -3.81
CA ASP B 200 0.91 13.25 -5.20
C ASP B 200 -0.44 13.96 -5.35
N ILE B 201 -1.48 13.40 -4.72
CA ILE B 201 -2.80 14.00 -4.78
C ILE B 201 -2.78 15.37 -4.10
N SER B 202 -2.14 15.44 -2.94
CA SER B 202 -2.07 16.69 -2.18
C SER B 202 -1.40 17.85 -2.92
N VAL B 203 -0.32 17.55 -3.65
CA VAL B 203 0.37 18.60 -4.40
C VAL B 203 -0.46 19.01 -5.62
N VAL B 204 -1.00 18.02 -6.33
CA VAL B 204 -1.81 18.31 -7.51
C VAL B 204 -3.06 19.13 -7.19
N LEU B 205 -3.67 18.90 -6.03
CA LEU B 205 -4.86 19.64 -5.67
C LEU B 205 -4.56 20.80 -4.72
N GLU B 206 -3.29 21.08 -4.53
CA GLU B 206 -2.83 22.19 -3.70
C GLU B 206 -3.30 22.16 -2.24
N LYS B 207 -3.27 20.98 -1.62
CA LYS B 207 -3.68 20.85 -0.23
C LYS B 207 -2.46 21.01 0.66
N VAL B 208 -1.28 20.86 0.05
CA VAL B 208 0.01 21.05 0.71
C VAL B 208 0.91 21.69 -0.33
N THR B 209 2.00 22.31 0.12
CA THR B 209 2.93 22.95 -0.81
C THR B 209 3.96 21.93 -1.29
N THR B 210 4.63 22.24 -2.39
CA THR B 210 5.65 21.36 -2.94
C THR B 210 6.73 21.09 -1.91
N GLU B 211 7.11 22.14 -1.17
CA GLU B 211 8.14 22.02 -0.14
C GLU B 211 7.72 21.05 0.96
N GLU B 212 6.41 20.89 1.15
CA GLU B 212 5.89 20.02 2.19
C GLU B 212 5.80 18.54 1.81
N TYR B 213 6.18 18.24 0.56
CA TYR B 213 6.20 16.87 0.06
C TYR B 213 7.60 16.42 0.50
N THR B 214 7.74 16.11 1.79
CA THR B 214 9.02 15.74 2.37
C THR B 214 9.43 14.27 2.30
N CYS B 215 8.47 13.36 2.10
CA CYS B 215 8.82 11.94 2.01
C CYS B 215 9.38 11.72 0.61
N ASP B 216 10.08 10.62 0.40
CA ASP B 216 10.63 10.34 -0.93
C ASP B 216 9.49 10.12 -1.90
N THR B 217 9.70 10.49 -3.16
CA THR B 217 8.68 10.27 -4.18
C THR B 217 8.80 8.79 -4.58
N PRO B 218 7.68 8.17 -4.98
CA PRO B 218 7.71 6.76 -5.37
C PRO B 218 8.73 6.43 -6.46
N ASP B 219 8.89 7.31 -7.45
CA ASP B 219 9.82 7.03 -8.54
C ASP B 219 11.15 7.77 -8.42
N GLY B 220 11.34 8.50 -7.33
CA GLY B 220 12.57 9.23 -7.13
C GLY B 220 12.67 10.51 -7.95
N LYS B 221 11.57 10.89 -8.60
CA LYS B 221 11.56 12.10 -9.41
C LYS B 221 11.03 13.31 -8.65
N GLY B 222 10.77 14.39 -9.38
CA GLY B 222 10.30 15.62 -8.77
C GLY B 222 9.02 15.57 -7.96
N THR B 223 8.82 16.59 -7.14
CA THR B 223 7.63 16.70 -6.30
C THR B 223 6.65 17.69 -6.91
N ASP B 224 6.98 18.22 -8.08
CA ASP B 224 6.11 19.18 -8.76
C ASP B 224 4.80 18.52 -9.23
N LYS B 225 3.84 19.34 -9.62
CA LYS B 225 2.55 18.83 -10.07
C LYS B 225 2.66 17.92 -11.29
N ARG B 226 3.49 18.31 -12.25
CA ARG B 226 3.67 17.50 -13.46
C ARG B 226 4.18 16.10 -13.11
N SER B 227 5.24 16.04 -12.30
CA SER B 227 5.81 14.75 -11.90
C SER B 227 4.78 13.94 -11.10
N SER B 228 3.94 14.64 -10.34
CA SER B 228 2.92 13.99 -9.55
C SER B 228 1.84 13.38 -10.46
N LEU B 229 1.47 14.12 -11.50
CA LEU B 229 0.47 13.65 -12.46
C LEU B 229 1.04 12.44 -13.20
N VAL B 230 2.36 12.44 -13.42
CA VAL B 230 2.98 11.32 -14.10
C VAL B 230 2.84 10.07 -13.23
N ARG B 231 3.08 10.22 -11.93
CA ARG B 231 2.98 9.08 -11.02
C ARG B 231 1.53 8.61 -10.90
N ILE B 232 0.61 9.56 -10.79
CA ILE B 232 -0.80 9.24 -10.66
C ILE B 232 -1.30 8.45 -11.88
N SER B 233 -0.83 8.82 -13.06
CA SER B 233 -1.23 8.13 -14.29
C SER B 233 -0.84 6.66 -14.26
N LYS B 234 0.24 6.33 -13.57
CA LYS B 234 0.69 4.95 -13.50
C LYS B 234 -0.28 4.06 -12.72
N VAL B 235 -1.12 4.67 -11.89
CA VAL B 235 -2.09 3.90 -11.11
C VAL B 235 -3.07 3.21 -12.04
N LEU B 236 -3.26 3.78 -13.24
CA LEU B 236 -4.14 3.20 -14.23
C LEU B 236 -3.29 2.65 -15.37
N CYS B 237 -2.05 2.27 -15.02
CA CYS B 237 -1.09 1.70 -15.96
C CYS B 237 -0.97 2.53 -17.22
N SER B 238 -0.97 3.85 -17.07
CA SER B 238 -0.89 4.72 -18.22
C SER B 238 0.20 5.77 -18.05
N ASP B 239 0.13 6.81 -18.88
CA ASP B 239 1.11 7.90 -18.85
C ASP B 239 0.52 9.10 -19.56
N LEU B 240 1.17 10.25 -19.45
CA LEU B 240 0.67 11.46 -20.06
C LEU B 240 0.75 11.51 -21.58
N ASP B 241 1.08 10.38 -22.20
CA ASP B 241 1.11 10.30 -23.66
C ASP B 241 -0.20 9.64 -24.07
N GLN B 242 -0.75 8.82 -23.18
CA GLN B 242 -2.00 8.14 -23.46
C GLN B 242 -3.20 8.91 -22.92
N ILE B 243 -3.07 9.48 -21.72
CA ILE B 243 -4.15 10.27 -21.15
C ILE B 243 -3.63 11.70 -20.99
N SER B 244 -4.54 12.65 -20.78
CA SER B 244 -4.15 14.05 -20.65
C SER B 244 -3.91 14.49 -19.21
N GLU B 245 -3.42 15.73 -19.06
CA GLU B 245 -3.20 16.28 -17.73
C GLU B 245 -4.55 16.38 -17.05
N ILE B 246 -5.57 16.78 -17.82
CA ILE B 246 -6.91 16.89 -17.26
C ILE B 246 -7.35 15.52 -16.76
N ASP B 247 -7.11 14.48 -17.56
CA ASP B 247 -7.48 13.11 -17.18
C ASP B 247 -6.82 12.71 -15.85
N ALA B 248 -5.52 12.97 -15.75
CA ALA B 248 -4.78 12.62 -14.54
C ALA B 248 -5.27 13.40 -13.33
N GLU B 249 -5.62 14.67 -13.53
CA GLU B 249 -6.12 15.48 -12.44
C GLU B 249 -7.50 14.96 -12.03
N ASN B 250 -8.24 14.41 -12.98
CA ASN B 250 -9.56 13.86 -12.66
C ASN B 250 -9.41 12.60 -11.81
N ILE B 251 -8.34 11.85 -12.07
CA ILE B 251 -8.10 10.66 -11.26
C ILE B 251 -7.83 11.15 -9.84
N ALA B 252 -7.02 12.18 -9.71
CA ALA B 252 -6.69 12.74 -8.41
C ALA B 252 -7.94 13.28 -7.68
N LYS B 253 -8.79 13.99 -8.41
CA LYS B 253 -10.01 14.54 -7.80
C LYS B 253 -10.95 13.44 -7.32
N ASN B 254 -11.10 12.39 -8.13
CA ASN B 254 -11.98 11.30 -7.74
C ASN B 254 -11.45 10.58 -6.50
N TYR B 255 -10.14 10.42 -6.43
CA TYR B 255 -9.54 9.76 -5.27
C TYR B 255 -9.63 10.66 -4.05
N TYR B 256 -9.57 11.98 -4.28
CA TYR B 256 -9.68 12.93 -3.19
C TYR B 256 -11.07 12.77 -2.56
N GLU B 257 -12.08 12.51 -3.39
CA GLU B 257 -13.44 12.31 -2.88
C GLU B 257 -13.51 11.06 -2.01
N LEU B 258 -12.87 9.98 -2.44
CA LEU B 258 -12.86 8.74 -1.68
C LEU B 258 -12.13 8.96 -0.37
N TRP B 259 -11.02 9.70 -0.43
CA TRP B 259 -10.20 10.01 0.74
C TRP B 259 -11.01 10.82 1.77
N LYS B 260 -11.67 11.88 1.32
CA LYS B 260 -12.48 12.68 2.22
C LYS B 260 -13.61 11.86 2.84
N GLU B 261 -14.20 10.98 2.04
CA GLU B 261 -15.30 10.14 2.54
C GLU B 261 -14.81 9.17 3.62
N LEU B 262 -13.60 8.63 3.46
CA LEU B 262 -13.05 7.72 4.48
C LEU B 262 -12.89 8.50 5.79
N ILE B 263 -12.33 9.70 5.71
CA ILE B 263 -12.15 10.51 6.89
C ILE B 263 -13.51 10.83 7.52
N LEU B 264 -14.43 11.31 6.71
CA LEU B 264 -15.75 11.66 7.22
C LEU B 264 -16.49 10.52 7.91
N GLU B 265 -16.58 9.38 7.24
CA GLU B 265 -17.29 8.24 7.82
C GLU B 265 -16.75 7.86 9.19
N ASN B 266 -15.42 7.84 9.33
CA ASN B 266 -14.82 7.48 10.60
C ASN B 266 -15.11 8.53 11.67
N VAL B 267 -14.93 9.80 11.33
CA VAL B 267 -15.19 10.85 12.29
C VAL B 267 -16.68 10.87 12.68
N GLU B 268 -17.57 10.68 11.69
CA GLU B 268 -19.00 10.67 11.94
C GLU B 268 -19.38 9.58 12.93
N ASN B 269 -18.78 8.40 12.80
CA ASN B 269 -19.08 7.29 13.69
C ASN B 269 -18.68 7.62 15.14
N VAL B 270 -17.50 8.23 15.31
CA VAL B 270 -17.06 8.59 16.65
C VAL B 270 -17.93 9.70 17.21
N ALA B 271 -18.30 10.65 16.34
CA ALA B 271 -19.14 11.77 16.75
C ALA B 271 -20.54 11.32 17.14
N GLU B 272 -21.12 10.40 16.37
CA GLU B 272 -22.47 9.92 16.66
C GLU B 272 -22.53 9.19 17.99
N LYS B 273 -21.44 8.51 18.33
CA LYS B 273 -21.34 7.78 19.59
C LYS B 273 -21.26 8.69 20.80
N TYR B 274 -20.49 9.76 20.67
CA TYR B 274 -20.30 10.70 21.78
C TYR B 274 -21.20 11.94 21.71
N GLY B 275 -21.89 12.11 20.58
CA GLY B 275 -22.77 13.25 20.42
C GLY B 275 -22.08 14.60 20.39
N SER B 276 -20.87 14.63 19.85
CA SER B 276 -20.12 15.87 19.76
C SER B 276 -20.13 16.41 18.33
N LYS B 277 -20.30 17.72 18.20
CA LYS B 277 -20.32 18.36 16.90
C LYS B 277 -19.07 19.19 16.67
N LYS B 278 -18.25 19.34 17.70
CA LYS B 278 -17.02 20.12 17.59
C LYS B 278 -15.83 19.22 17.30
N VAL B 279 -15.03 19.60 16.31
CA VAL B 279 -13.84 18.84 15.99
C VAL B 279 -12.67 19.80 15.98
N VAL B 280 -11.57 19.37 16.57
CA VAL B 280 -10.35 20.17 16.60
C VAL B 280 -9.39 19.46 15.64
N ILE B 281 -9.01 20.13 14.57
CA ILE B 281 -8.11 19.52 13.60
C ILE B 281 -6.69 20.06 13.70
N THR B 282 -5.72 19.25 13.29
CA THR B 282 -4.33 19.66 13.32
C THR B 282 -3.53 18.70 12.43
N GLY B 283 -2.27 19.03 12.18
CA GLY B 283 -1.42 18.19 11.35
C GLY B 283 -1.26 18.74 9.94
N LEU B 284 -0.31 18.19 9.21
CA LEU B 284 -0.04 18.62 7.84
C LEU B 284 -1.29 18.53 6.96
N GLY B 285 -2.18 17.59 7.28
CA GLY B 285 -3.39 17.42 6.49
C GLY B 285 -4.58 18.28 6.81
N GLU B 286 -4.38 19.38 7.55
CA GLU B 286 -5.51 20.26 7.89
C GLU B 286 -6.37 20.71 6.71
N ASN B 287 -5.74 20.99 5.57
CA ASN B 287 -6.51 21.45 4.42
C ASN B 287 -7.47 20.37 3.93
N ILE B 288 -7.06 19.12 4.02
CA ILE B 288 -7.92 18.02 3.60
C ILE B 288 -9.00 17.82 4.66
N LEU B 289 -8.60 17.89 5.92
CA LEU B 289 -9.54 17.72 7.03
C LEU B 289 -10.62 18.81 7.01
N LYS B 290 -10.23 20.04 6.67
CA LYS B 290 -11.20 21.14 6.61
C LYS B 290 -12.27 20.84 5.57
N ASP B 291 -11.85 20.26 4.45
CA ASP B 291 -12.79 19.94 3.37
C ASP B 291 -13.69 18.77 3.74
N ALA B 292 -13.09 17.71 4.29
CA ALA B 292 -13.85 16.50 4.64
C ALA B 292 -14.85 16.69 5.78
N LEU B 293 -14.47 17.49 6.77
CA LEU B 293 -15.32 17.71 7.93
C LEU B 293 -15.98 19.09 7.93
N ALA B 294 -16.25 19.62 6.75
CA ALA B 294 -16.86 20.94 6.61
C ALA B 294 -18.19 21.11 7.36
N ASP B 295 -18.95 20.03 7.50
CA ASP B 295 -20.24 20.12 8.19
C ASP B 295 -20.17 20.14 9.71
N PHE B 296 -18.98 19.91 10.28
CA PHE B 296 -18.82 19.94 11.72
C PHE B 296 -18.41 21.36 12.14
N GLU B 297 -18.38 21.61 13.44
CA GLU B 297 -17.93 22.89 13.97
C GLU B 297 -16.42 22.68 14.07
N VAL B 298 -15.67 23.22 13.12
CA VAL B 298 -14.23 23.01 13.09
C VAL B 298 -13.37 24.07 13.78
N ILE B 299 -12.44 23.59 14.61
CA ILE B 299 -11.50 24.45 15.32
C ILE B 299 -10.13 24.05 14.77
N SER B 300 -9.47 24.98 14.10
CA SER B 300 -8.17 24.73 13.49
C SER B 300 -6.97 25.16 14.33
N VAL B 301 -6.07 24.21 14.59
CA VAL B 301 -4.88 24.52 15.36
C VAL B 301 -4.02 25.49 14.54
N ALA B 302 -3.96 25.27 13.23
CA ALA B 302 -3.17 26.13 12.34
C ALA B 302 -3.66 27.57 12.39
N GLU B 303 -4.98 27.74 12.42
CA GLU B 303 -5.56 29.08 12.46
C GLU B 303 -5.34 29.78 13.80
N ARG B 304 -5.49 29.03 14.89
CA ARG B 304 -5.33 29.58 16.22
C ARG B 304 -3.90 29.72 16.73
N TYR B 305 -2.99 28.85 16.28
CA TYR B 305 -1.62 28.91 16.75
C TYR B 305 -0.55 29.00 15.65
N GLY B 306 -0.98 28.91 14.40
CA GLY B 306 -0.03 29.00 13.30
C GLY B 306 0.35 27.65 12.71
N LYS B 307 0.84 27.71 11.47
CA LYS B 307 1.23 26.51 10.73
C LYS B 307 2.28 25.65 11.44
N ASP B 308 3.32 26.29 11.98
CA ASP B 308 4.38 25.54 12.65
C ASP B 308 3.86 24.66 13.79
N VAL B 309 2.96 25.22 14.60
CA VAL B 309 2.39 24.45 15.70
C VAL B 309 1.53 23.30 15.17
N SER B 310 0.81 23.56 14.08
CA SER B 310 -0.04 22.53 13.47
C SER B 310 0.81 21.37 12.97
N LEU B 311 2.04 21.66 12.56
CA LEU B 311 2.95 20.63 12.05
C LEU B 311 3.90 20.06 13.10
N ALA B 312 3.69 20.44 14.35
CA ALA B 312 4.55 19.95 15.45
C ALA B 312 3.78 20.10 16.75
N THR B 313 2.53 19.67 16.74
CA THR B 313 1.68 19.82 17.91
C THR B 313 2.13 19.15 19.20
N PRO B 314 2.69 17.93 19.13
CA PRO B 314 3.13 17.28 20.38
C PRO B 314 4.06 18.12 21.24
N SER B 315 5.08 18.73 20.63
CA SER B 315 6.03 19.53 21.42
C SER B 315 5.35 20.76 22.02
N PHE B 316 4.46 21.37 21.26
CA PHE B 316 3.75 22.56 21.71
C PHE B 316 2.79 22.18 22.84
N ALA B 317 2.07 21.07 22.64
CA ALA B 317 1.12 20.57 23.63
C ALA B 317 1.73 20.32 25.01
N VAL B 318 2.89 19.65 25.08
CA VAL B 318 3.47 19.40 26.39
C VAL B 318 4.03 20.68 27.01
N ALA B 319 4.43 21.64 26.17
CA ALA B 319 4.93 22.91 26.69
C ALA B 319 3.76 23.61 27.37
N GLU B 320 2.59 23.57 26.72
CA GLU B 320 1.39 24.21 27.28
C GLU B 320 0.91 23.50 28.53
N LEU B 321 0.96 22.17 28.53
CA LEU B 321 0.54 21.41 29.71
C LEU B 321 1.46 21.71 30.88
N LEU B 322 2.75 21.94 30.60
CA LEU B 322 3.70 22.28 31.67
C LEU B 322 3.38 23.68 32.19
N LYS B 323 3.06 24.60 31.28
CA LYS B 323 2.71 25.96 31.65
C LYS B 323 1.51 25.94 32.60
N ASN B 324 0.52 25.10 32.28
CA ASN B 324 -0.66 24.99 33.13
C ASN B 324 -0.28 24.63 34.57
N GLU B 325 0.53 23.59 34.74
CA GLU B 325 0.94 23.17 36.07
C GLU B 325 1.73 24.26 36.80
N LEU B 326 2.52 25.01 36.05
CA LEU B 326 3.31 26.08 36.63
C LEU B 326 2.45 27.25 37.10
N LEU B 327 1.51 27.67 36.27
CA LEU B 327 0.63 28.78 36.61
C LEU B 327 -0.34 28.42 37.71
N GLU B 328 -0.44 27.12 38.02
CA GLU B 328 -1.35 26.64 39.04
C GLU B 328 -1.19 27.44 40.34
N HIS B 329 0.01 27.94 40.59
CA HIS B 329 0.27 28.74 41.79
C HIS B 329 1.23 29.90 41.50
N HIS B 330 0.78 30.83 40.67
CA HIS B 330 1.57 31.99 40.31
C HIS B 330 0.84 33.27 40.70
S SO4 C . 11.00 34.54 28.21
O1 SO4 C . 10.04 33.43 28.05
O2 SO4 C . 11.30 35.13 26.90
O3 SO4 C . 10.40 35.56 29.08
O4 SO4 C . 12.24 34.04 28.83
S SO4 D . 9.48 11.07 12.99
O1 SO4 D . 8.75 9.80 12.86
O2 SO4 D . 10.27 11.31 11.76
O3 SO4 D . 8.53 12.17 13.17
O4 SO4 D . 10.39 11.00 14.14
#